data_2PK9
#
_entry.id   2PK9
#
_cell.length_a   147.775
_cell.length_b   147.775
_cell.length_c   211.825
_cell.angle_alpha   90.00
_cell.angle_beta   90.00
_cell.angle_gamma   120.00
#
_symmetry.space_group_name_H-M   'P 31 2 1'
#
loop_
_entity.id
_entity.type
_entity.pdbx_description
1 polymer 'Cyclin-dependent protein kinase PHO85'
2 polymer 'PHO85 cyclin PHO80'
3 non-polymer '2-(N-MORPHOLINO)-ETHANESULFONIC ACID'
#
loop_
_entity_poly.entity_id
_entity_poly.type
_entity_poly.pdbx_seq_one_letter_code
_entity_poly.pdbx_strand_id
1 'polypeptide(L)'
;MSSSSQFKQLEKLGNGTYATVYKGLNKTTGVYVALKEVKLDSEEGTPSTAIREISLMKELKHENIVRLYDVIHTENKLTL
VFEFMDNDLKKYMDSRTVGNTPRGLELNLVKYFQWQLLQGLAFCHENKILHRDLKPQNLLINKRGQLKLGDFGLARAFGI
PVNTFSSEVVTLWYRAPDVLMGSRTYSTSIDIWSCGCILAEMITGKPLFPGTNDEEQLKLIFDIMGTPNESLWPSVTKLP
KYNPNIQQRPPRDLRQVLQPHTKEPLDGNLMDFLHGLLQLNPDMRLSAKQALHHPWFAEYYHHASMGGSRSHHHHHH
;
A,C
2 'polypeptide(L)'
;MESTSGERSENIHEDQGIPKVILPADFNKCSRTDLVVLISRMLVSLIAINENSATKKSDDQITLTRYHSKIPPNISIFNY
FIRLTKFSSLEHCVLMTSLYYIDLLQTVYPDFTLNSLTAHRFLLTATTVATKGLCDSFSTNAHYAKVGGVRCHELNILEN
DFLKRVNYRIIPRDHNITLCSIEQKQKKFVIDKNALGSLDLDSYSYVNRPKSGYNVLDKYYRRIVQLVGSFNASPDKSRK
VDYVLPPNIDIVSESGSQTTQLKGSSSPNSHSSQKRYSEAKDAHIYNKRSKPD
;
B,D
#
loop_
_chem_comp.id
_chem_comp.type
_chem_comp.name
_chem_comp.formula
MES non-polymer '2-(N-MORPHOLINO)-ETHANESULFONIC ACID' 'C6 H13 N O4 S'
#
# COMPACT_ATOMS: atom_id res chain seq x y z
N PHE A 7 -10.57 -35.26 -4.94
CA PHE A 7 -9.12 -35.42 -4.58
C PHE A 7 -8.95 -35.85 -3.13
N LYS A 8 -8.07 -36.82 -2.91
CA LYS A 8 -7.74 -37.28 -1.57
C LYS A 8 -6.25 -37.13 -1.29
N GLN A 9 -5.91 -36.12 -0.49
CA GLN A 9 -4.52 -35.83 -0.17
C GLN A 9 -3.80 -37.07 0.36
N LEU A 10 -2.56 -37.24 -0.05
CA LEU A 10 -1.74 -38.38 0.40
C LEU A 10 -0.24 -38.09 0.54
N GLU A 11 0.12 -36.96 1.17
CA GLU A 11 1.53 -36.64 1.52
C GLU A 11 1.92 -35.19 1.22
N LYS A 12 2.41 -34.49 2.24
CA LYS A 12 2.96 -33.15 2.05
C LYS A 12 4.33 -33.21 1.35
N LEU A 13 4.65 -32.15 0.61
CA LEU A 13 5.78 -32.19 -0.32
C LEU A 13 6.78 -31.04 -0.19
N GLY A 14 6.30 -29.90 0.30
CA GLY A 14 7.11 -28.69 0.44
C GLY A 14 6.35 -27.61 1.19
N ASN A 15 6.92 -26.41 1.22
CA ASN A 15 6.32 -25.33 2.00
C ASN A 15 6.71 -23.91 1.57
N GLY A 16 6.16 -22.93 2.30
CA GLY A 16 6.48 -21.52 2.17
C GLY A 16 5.65 -20.75 3.19
N THR A 17 5.61 -19.42 3.05
CA THR A 17 4.68 -18.61 3.84
C THR A 17 3.37 -18.42 3.08
N TYR A 18 3.44 -18.56 1.76
CA TYR A 18 2.25 -18.51 0.92
C TYR A 18 1.44 -19.80 1.04
N ALA A 19 2.07 -20.91 0.68
CA ALA A 19 1.33 -22.14 0.39
C ALA A 19 1.81 -23.40 1.11
N THR A 20 0.88 -24.32 1.40
CA THR A 20 1.24 -25.67 1.78
C THR A 20 0.87 -26.68 0.69
N VAL A 21 1.88 -27.38 0.19
CA VAL A 21 1.69 -28.30 -0.95
C VAL A 21 1.58 -29.78 -0.54
N TYR A 22 0.61 -30.47 -1.13
CA TYR A 22 0.30 -31.87 -0.87
C TYR A 22 0.23 -32.65 -2.19
N LYS A 23 0.34 -33.97 -2.10
CA LYS A 23 0.14 -34.85 -3.25
C LYS A 23 -1.24 -35.50 -3.13
N GLY A 24 -2.02 -35.46 -4.21
CA GLY A 24 -3.36 -36.06 -4.22
C GLY A 24 -3.70 -36.86 -5.46
N LEU A 25 -4.95 -37.32 -5.56
CA LEU A 25 -5.40 -38.09 -6.73
C LEU A 25 -6.76 -37.68 -7.27
N ASN A 26 -6.85 -37.61 -8.59
CA ASN A 26 -8.12 -37.48 -9.31
C ASN A 26 -9.03 -38.68 -9.00
N LYS A 27 -10.33 -38.42 -8.93
CA LYS A 27 -11.32 -39.44 -8.57
C LYS A 27 -12.10 -40.02 -9.76
N THR A 28 -11.57 -39.83 -10.96
CA THR A 28 -12.16 -40.35 -12.20
C THR A 28 -11.07 -41.07 -13.01
N THR A 29 -10.05 -40.31 -13.42
CA THR A 29 -8.78 -40.88 -13.89
C THR A 29 -7.88 -40.99 -12.67
N GLY A 30 -7.05 -42.03 -12.61
CA GLY A 30 -6.14 -42.22 -11.48
C GLY A 30 -4.99 -41.21 -11.45
N VAL A 31 -5.14 -40.12 -12.19
CA VAL A 31 -4.06 -39.15 -12.38
C VAL A 31 -3.63 -38.50 -11.06
N TYR A 32 -2.32 -38.54 -10.79
CA TYR A 32 -1.73 -37.96 -9.60
C TYR A 32 -1.56 -36.46 -9.78
N VAL A 33 -1.92 -35.71 -8.76
CA VAL A 33 -1.85 -34.26 -8.80
C VAL A 33 -1.15 -33.71 -7.57
N ALA A 34 -0.58 -32.51 -7.71
CA ALA A 34 -0.05 -31.78 -6.58
C ALA A 34 -1.02 -30.67 -6.21
N LEU A 35 -1.66 -30.83 -5.05
CA LEU A 35 -2.56 -29.82 -4.52
C LEU A 35 -1.76 -28.76 -3.77
N LYS A 36 -1.85 -27.53 -4.24
CA LYS A 36 -1.16 -26.41 -3.60
C LYS A 36 -2.17 -25.52 -2.89
N GLU A 37 -2.25 -25.69 -1.57
CA GLU A 37 -3.19 -24.94 -0.74
C GLU A 37 -2.65 -23.55 -0.42
N VAL A 38 -3.37 -22.53 -0.88
CA VAL A 38 -2.99 -21.13 -0.67
C VAL A 38 -3.85 -20.50 0.42
N LYS A 39 -3.20 -20.06 1.49
CA LYS A 39 -3.87 -19.47 2.67
C LYS A 39 -4.80 -18.29 2.32
N LEU A 40 -6.09 -18.47 2.54
CA LEU A 40 -7.10 -17.46 2.16
C LEU A 40 -7.87 -16.92 3.36
N SER A 42 -8.53 -12.50 5.62
CA SER A 42 -7.16 -12.00 5.51
C SER A 42 -7.15 -10.56 5.02
N GLU A 43 -6.34 -9.72 5.68
CA GLU A 43 -6.30 -8.30 5.37
C GLU A 43 -5.79 -8.06 3.95
N GLU A 44 -5.23 -9.10 3.35
CA GLU A 44 -4.68 -9.00 2.00
C GLU A 44 -5.67 -9.58 0.98
N GLY A 45 -6.74 -10.21 1.49
CA GLY A 45 -7.84 -10.70 0.65
C GLY A 45 -7.54 -12.01 -0.05
N THR A 46 -7.33 -11.95 -1.36
CA THR A 46 -6.92 -13.11 -2.15
C THR A 46 -5.46 -12.94 -2.57
N PRO A 47 -4.53 -13.61 -1.87
CA PRO A 47 -3.11 -13.47 -2.10
C PRO A 47 -2.79 -13.08 -3.53
N SER A 48 -2.36 -11.83 -3.72
CA SER A 48 -1.88 -11.37 -5.02
C SER A 48 -1.03 -12.41 -5.76
N THR A 49 -0.19 -13.13 -5.03
CA THR A 49 0.68 -14.15 -5.62
C THR A 49 -0.14 -15.22 -6.34
N ALA A 50 -1.30 -15.56 -5.79
CA ALA A 50 -2.20 -16.53 -6.42
C ALA A 50 -2.83 -15.95 -7.70
N ILE A 51 -3.49 -14.80 -7.58
CA ILE A 51 -4.08 -14.11 -8.72
C ILE A 51 -3.11 -14.06 -9.89
N ARG A 52 -1.83 -13.91 -9.59
CA ARG A 52 -0.81 -13.80 -10.61
C ARG A 52 -0.44 -15.17 -11.19
N GLU A 53 -0.37 -16.17 -10.32
CA GLU A 53 -0.01 -17.51 -10.73
C GLU A 53 -1.13 -18.10 -11.56
N ILE A 54 -2.32 -18.20 -10.95
CA ILE A 54 -3.51 -18.73 -11.63
C ILE A 54 -3.67 -18.06 -12.99
N SER A 55 -3.57 -16.74 -12.99
CA SER A 55 -3.74 -15.87 -14.16
C SER A 55 -2.84 -16.24 -15.31
N LEU A 56 -1.56 -16.35 -15.03
CA LEU A 56 -0.53 -16.59 -16.03
C LEU A 56 -0.48 -18.03 -16.45
N MET A 57 -0.80 -18.94 -15.53
CA MET A 57 -0.74 -20.37 -15.86
C MET A 57 -1.70 -20.74 -16.98
N LYS A 58 -2.93 -20.23 -16.89
CA LYS A 58 -3.94 -20.37 -17.92
C LYS A 58 -3.44 -19.92 -19.28
N GLU A 59 -2.44 -19.04 -19.23
CA GLU A 59 -1.84 -18.44 -20.42
C GLU A 59 -0.59 -19.18 -20.87
N LEU A 60 -0.19 -20.21 -20.12
CA LEU A 60 1.05 -20.95 -20.41
C LEU A 60 0.89 -22.45 -20.52
N LYS A 61 0.37 -22.92 -21.65
CA LYS A 61 0.25 -24.36 -21.92
C LYS A 61 1.39 -24.83 -22.83
N HIS A 62 2.26 -25.67 -22.29
CA HIS A 62 3.45 -26.16 -23.00
C HIS A 62 3.92 -27.47 -22.37
N GLU A 63 4.57 -28.33 -23.16
CA GLU A 63 5.07 -29.61 -22.62
C GLU A 63 6.31 -29.46 -21.73
N ASN A 64 6.72 -28.22 -21.50
CA ASN A 64 7.84 -27.90 -20.63
C ASN A 64 7.52 -26.77 -19.63
N ILE A 65 6.25 -26.67 -19.26
CA ILE A 65 5.78 -25.83 -18.17
C ILE A 65 4.75 -26.64 -17.40
N VAL A 66 4.98 -26.86 -16.11
CA VAL A 66 4.05 -27.61 -15.27
C VAL A 66 2.63 -27.06 -15.45
N ARG A 67 1.67 -27.95 -15.72
CA ARG A 67 0.30 -27.53 -15.97
C ARG A 67 -0.55 -27.33 -14.71
N LEU A 68 -1.39 -26.29 -14.74
CA LEU A 68 -2.42 -26.07 -13.73
C LEU A 68 -3.75 -26.65 -14.22
N TYR A 69 -4.21 -27.69 -13.53
CA TYR A 69 -5.42 -28.39 -13.92
C TYR A 69 -6.70 -27.64 -13.57
N ASP A 70 -6.84 -27.21 -12.31
CA ASP A 70 -8.05 -26.48 -11.88
C ASP A 70 -7.79 -25.63 -10.63
N VAL A 71 -8.78 -24.84 -10.22
CA VAL A 71 -8.74 -24.10 -8.97
C VAL A 71 -9.93 -24.52 -8.09
N ILE A 72 -9.67 -24.79 -6.80
CA ILE A 72 -10.74 -25.16 -5.85
C ILE A 72 -10.93 -24.11 -4.75
N HIS A 73 -12.17 -23.64 -4.59
CA HIS A 73 -12.52 -22.60 -3.63
C HIS A 73 -13.26 -23.16 -2.41
N ASN A 76 -13.09 -20.24 2.47
CA ASN A 76 -12.01 -19.92 3.40
C ASN A 76 -10.64 -20.53 3.06
N LYS A 77 -10.52 -21.06 1.85
CA LYS A 77 -9.23 -21.47 1.31
C LYS A 77 -9.25 -21.51 -0.21
N LEU A 78 -8.13 -21.89 -0.80
CA LEU A 78 -7.97 -21.87 -2.25
C LEU A 78 -6.89 -22.86 -2.67
N THR A 79 -7.29 -23.97 -3.32
CA THR A 79 -6.29 -24.98 -3.69
C THR A 79 -5.99 -24.96 -5.19
N LEU A 80 -4.73 -24.70 -5.52
CA LEU A 80 -4.21 -24.71 -6.88
C LEU A 80 -3.81 -26.13 -7.23
N VAL A 81 -4.51 -26.73 -8.20
CA VAL A 81 -4.21 -28.12 -8.59
C VAL A 81 -3.22 -28.21 -9.77
N PHE A 82 -1.94 -28.41 -9.44
CA PHE A 82 -0.87 -28.58 -10.41
C PHE A 82 -0.61 -30.04 -10.78
N GLU A 83 -0.19 -30.25 -12.02
CA GLU A 83 0.29 -31.54 -12.50
C GLU A 83 1.45 -32.06 -11.63
N PHE A 84 1.27 -33.21 -10.99
CA PHE A 84 2.26 -33.74 -10.04
C PHE A 84 3.60 -34.08 -10.69
N MET A 85 4.67 -33.52 -10.14
CA MET A 85 6.03 -33.77 -10.61
C MET A 85 6.80 -34.40 -9.49
N ASP A 86 7.64 -35.37 -9.83
CA ASP A 86 8.29 -36.22 -8.84
C ASP A 86 9.31 -35.44 -8.03
N ASN A 87 10.35 -34.94 -8.69
CA ASN A 87 11.38 -34.14 -8.01
C ASN A 87 11.78 -32.90 -8.81
N ASP A 88 12.99 -32.39 -8.56
CA ASP A 88 13.47 -31.16 -9.20
C ASP A 88 14.98 -31.20 -9.43
N LEU A 89 15.46 -30.34 -10.32
CA LEU A 89 16.86 -30.33 -10.73
C LEU A 89 17.82 -30.30 -9.54
N LYS A 90 17.50 -29.49 -8.54
CA LYS A 90 18.29 -29.41 -7.30
C LYS A 90 18.27 -30.73 -6.52
N LYS A 91 17.09 -31.32 -6.38
CA LYS A 91 16.89 -32.55 -5.62
C LYS A 91 17.39 -33.77 -6.39
N TYR A 92 17.26 -33.71 -7.72
CA TYR A 92 17.72 -34.76 -8.62
C TYR A 92 19.25 -34.87 -8.60
N MET A 93 19.93 -33.72 -8.51
CA MET A 93 21.39 -33.69 -8.46
C MET A 93 21.95 -34.18 -7.13
N ASP A 94 21.35 -33.76 -6.01
CA ASP A 94 21.66 -34.26 -4.67
C ASP A 94 21.70 -35.79 -4.59
N SER A 95 20.84 -36.44 -5.37
CA SER A 95 20.70 -37.91 -5.38
C SER A 95 21.94 -38.61 -5.91
N ARG A 96 22.67 -37.95 -6.80
CA ARG A 96 23.94 -38.46 -7.31
C ARG A 96 25.01 -38.39 -6.21
N THR A 97 24.98 -37.32 -5.41
CA THR A 97 25.89 -37.14 -4.27
C THR A 97 25.33 -36.14 -3.25
N ARG A 103 28.95 -33.49 -7.65
CA ARG A 103 29.14 -34.09 -8.97
C ARG A 103 28.08 -33.58 -9.95
N GLY A 104 28.54 -33.14 -11.12
CA GLY A 104 27.64 -32.64 -12.16
C GLY A 104 27.15 -33.81 -12.97
N LEU A 105 26.07 -33.59 -13.72
CA LEU A 105 25.48 -34.66 -14.54
C LEU A 105 26.31 -34.91 -15.80
N GLU A 106 26.14 -36.08 -16.41
CA GLU A 106 26.88 -36.40 -17.64
C GLU A 106 26.37 -35.51 -18.79
N LEU A 107 27.30 -35.06 -19.63
CA LEU A 107 27.06 -33.94 -20.56
C LEU A 107 25.92 -34.08 -21.59
N ASN A 108 25.61 -35.32 -22.01
CA ASN A 108 24.46 -35.57 -22.88
C ASN A 108 23.15 -35.31 -22.16
N LEU A 109 23.11 -35.62 -20.86
CA LEU A 109 21.96 -35.33 -20.01
C LEU A 109 21.93 -33.86 -19.59
N VAL A 110 23.11 -33.25 -19.49
CA VAL A 110 23.20 -31.82 -19.20
C VAL A 110 22.59 -31.00 -20.34
N LYS A 111 22.88 -31.43 -21.57
CA LYS A 111 22.39 -30.76 -22.77
C LYS A 111 20.86 -30.87 -22.89
N TYR A 112 20.34 -32.08 -22.77
CA TYR A 112 18.90 -32.36 -22.88
C TYR A 112 18.07 -31.53 -21.89
N PHE A 113 18.48 -31.53 -20.62
CA PHE A 113 17.81 -30.73 -19.58
C PHE A 113 17.82 -29.23 -19.90
N GLN A 114 18.92 -28.74 -20.46
CA GLN A 114 19.07 -27.34 -20.83
C GLN A 114 18.26 -27.06 -22.10
N TRP A 115 17.99 -28.12 -22.86
CA TRP A 115 17.13 -28.00 -24.02
C TRP A 115 15.70 -27.76 -23.54
N GLN A 116 15.26 -28.62 -22.62
CA GLN A 116 13.90 -28.57 -22.12
C GLN A 116 13.58 -27.24 -21.45
N LEU A 117 14.49 -26.76 -20.61
CA LEU A 117 14.32 -25.49 -19.91
C LEU A 117 14.18 -24.32 -20.87
N LEU A 118 15.05 -24.25 -21.88
CA LEU A 118 15.05 -23.15 -22.84
C LEU A 118 13.85 -23.20 -23.76
N GLN A 119 13.32 -24.41 -23.95
CA GLN A 119 12.15 -24.64 -24.79
C GLN A 119 10.91 -24.05 -24.13
N GLY A 120 10.76 -24.29 -22.83
CA GLY A 120 9.60 -23.84 -22.06
C GLY A 120 9.67 -22.34 -21.84
N LEU A 121 10.86 -21.86 -21.56
CA LEU A 121 11.09 -20.43 -21.34
C LEU A 121 10.94 -19.66 -22.64
N ALA A 122 11.37 -20.26 -23.75
CA ALA A 122 11.26 -19.60 -25.05
C ALA A 122 9.81 -19.33 -25.36
N PHE A 123 8.93 -20.16 -24.77
CA PHE A 123 7.50 -20.04 -24.93
C PHE A 123 6.99 -18.87 -24.08
N CYS A 124 7.40 -18.84 -22.80
CA CYS A 124 7.12 -17.72 -21.91
C CYS A 124 7.50 -16.39 -22.56
N HIS A 125 8.75 -16.30 -22.98
CA HIS A 125 9.27 -15.07 -23.52
C HIS A 125 8.53 -14.64 -24.80
N GLU A 126 8.06 -15.62 -25.58
CA GLU A 126 7.25 -15.37 -26.79
C GLU A 126 5.87 -14.77 -26.45
N ASN A 127 5.26 -15.24 -25.36
CA ASN A 127 4.01 -14.66 -24.87
C ASN A 127 4.21 -13.41 -24.00
N LYS A 128 5.44 -12.87 -24.05
CA LYS A 128 5.87 -11.74 -23.24
C LYS A 128 5.64 -11.91 -21.73
N ILE A 129 6.09 -13.04 -21.18
CA ILE A 129 6.04 -13.29 -19.73
C ILE A 129 7.42 -13.69 -19.18
N LEU A 130 7.91 -12.95 -18.18
CA LEU A 130 9.18 -13.28 -17.54
C LEU A 130 8.93 -14.15 -16.30
N HIS A 131 9.71 -15.21 -16.14
CA HIS A 131 9.61 -16.03 -14.94
C HIS A 131 10.18 -15.31 -13.72
N ARG A 132 11.34 -14.69 -13.92
CA ARG A 132 12.03 -13.84 -12.94
C ARG A 132 12.77 -14.53 -11.81
N ASP A 133 12.52 -15.81 -11.58
CA ASP A 133 13.10 -16.51 -10.42
C ASP A 133 13.44 -17.97 -10.73
N LEU A 134 14.11 -18.20 -11.85
CA LEU A 134 14.53 -19.54 -12.25
C LEU A 134 15.69 -20.03 -11.40
N LYS A 135 15.47 -21.18 -10.76
CA LYS A 135 16.51 -21.89 -10.01
C LYS A 135 16.17 -23.38 -10.03
N PRO A 136 17.14 -24.23 -9.64
CA PRO A 136 16.85 -25.64 -9.86
C PRO A 136 15.61 -26.21 -9.12
N GLN A 137 15.20 -25.63 -7.98
CA GLN A 137 13.93 -26.07 -7.34
C GLN A 137 12.75 -25.84 -8.28
N ASN A 138 12.76 -24.70 -8.97
CA ASN A 138 11.75 -24.37 -9.95
C ASN A 138 11.89 -25.12 -11.29
N LEU A 139 12.78 -26.10 -11.35
CA LEU A 139 12.92 -26.91 -12.55
C LEU A 139 12.55 -28.37 -12.27
N LEU A 140 11.25 -28.62 -12.20
CA LEU A 140 10.72 -29.92 -11.77
C LEU A 140 10.90 -30.97 -12.84
N ILE A 141 11.04 -32.22 -12.41
CA ILE A 141 11.36 -33.34 -13.29
C ILE A 141 10.52 -34.56 -12.94
N ASN A 142 9.68 -34.99 -13.86
CA ASN A 142 8.85 -36.18 -13.66
C ASN A 142 9.63 -37.50 -13.76
N LYS A 143 9.00 -38.61 -13.36
CA LYS A 143 9.61 -39.94 -13.38
C LYS A 143 10.14 -40.35 -14.77
N ARG A 144 9.72 -39.61 -15.80
CA ARG A 144 10.01 -39.95 -17.20
C ARG A 144 11.10 -39.07 -17.82
N GLY A 145 11.81 -38.32 -17.00
CA GLY A 145 12.94 -37.51 -17.46
C GLY A 145 12.62 -36.17 -18.11
N GLN A 146 11.36 -35.75 -18.04
CA GLN A 146 10.94 -34.46 -18.60
C GLN A 146 11.16 -33.33 -17.59
N LEU A 147 11.64 -32.19 -18.09
CA LEU A 147 11.88 -31.02 -17.26
C LEU A 147 10.83 -29.94 -17.57
N LYS A 148 10.25 -29.35 -16.52
CA LYS A 148 9.22 -28.32 -16.71
C LYS A 148 9.33 -27.18 -15.69
N LEU A 149 9.38 -25.94 -16.20
CA LEU A 149 9.40 -24.75 -15.36
C LEU A 149 8.14 -24.68 -14.49
N GLY A 150 8.32 -24.35 -13.21
CA GLY A 150 7.22 -24.29 -12.27
C GLY A 150 7.33 -23.09 -11.36
N ASP A 151 6.30 -22.90 -10.53
CA ASP A 151 6.19 -21.78 -9.58
C ASP A 151 6.38 -20.41 -10.24
N PHE A 152 5.31 -19.95 -10.87
CA PHE A 152 5.29 -18.64 -11.51
C PHE A 152 4.68 -17.60 -10.59
N GLY A 153 5.05 -17.66 -9.31
CA GLY A 153 4.58 -16.67 -8.32
C GLY A 153 5.12 -15.27 -8.54
N LEU A 154 6.40 -15.18 -8.89
CA LEU A 154 7.06 -13.90 -9.07
C LEU A 154 7.07 -13.45 -10.54
N ALA A 155 6.46 -14.27 -11.39
CA ALA A 155 6.44 -14.01 -12.83
C ALA A 155 5.53 -12.84 -13.16
N ARG A 156 5.75 -12.20 -14.30
CA ARG A 156 4.83 -11.16 -14.77
C ARG A 156 4.64 -11.17 -16.27
N ALA A 157 3.46 -10.78 -16.70
CA ALA A 157 3.21 -10.50 -18.09
C ALA A 157 3.77 -9.10 -18.38
N PHE A 158 5.00 -9.08 -18.89
CA PHE A 158 5.66 -7.81 -19.22
C PHE A 158 5.13 -7.16 -20.49
N GLY A 159 4.22 -7.85 -21.17
CA GLY A 159 3.41 -7.23 -22.23
C GLY A 159 2.40 -6.21 -21.70
N ILE A 160 2.36 -6.08 -20.38
CA ILE A 160 1.56 -5.04 -19.69
C ILE A 160 2.54 -4.04 -19.06
N PRO A 161 2.74 -2.86 -19.72
CA PRO A 161 3.79 -1.89 -19.35
C PRO A 161 3.53 -1.23 -17.99
N VAL A 162 3.71 -2.00 -16.94
CA VAL A 162 3.58 -1.47 -15.59
C VAL A 162 4.98 -1.16 -15.03
N ASN A 163 5.05 -0.30 -14.01
CA ASN A 163 6.32 0.05 -13.41
C ASN A 163 6.94 -1.12 -12.66
N THR A 164 8.13 -1.53 -13.07
CA THR A 164 8.75 -2.70 -12.47
C THR A 164 9.56 -2.42 -11.19
N PHE A 165 9.28 -3.23 -10.17
CA PHE A 165 10.03 -3.27 -8.93
C PHE A 165 10.37 -4.74 -8.70
N SER A 166 11.61 -5.00 -8.29
CA SER A 166 12.03 -6.37 -8.05
C SER A 166 11.51 -6.88 -6.70
N SER A 167 11.69 -8.18 -6.46
CA SER A 167 11.10 -8.79 -5.28
C SER A 167 12.13 -9.53 -4.46
N GLU A 168 11.86 -9.61 -3.16
CA GLU A 168 12.71 -10.33 -2.23
C GLU A 168 12.66 -11.82 -2.52
N VAL A 169 13.83 -12.41 -2.73
CA VAL A 169 13.97 -13.82 -3.07
C VAL A 169 14.84 -14.51 -2.02
N VAL A 170 14.71 -15.82 -1.88
CA VAL A 170 15.42 -16.52 -0.81
C VAL A 170 16.92 -16.70 -1.06
N THR A 171 17.30 -16.83 -2.34
CA THR A 171 18.72 -16.83 -2.73
C THR A 171 18.92 -15.96 -3.94
N LEU A 172 20.15 -15.46 -4.12
CA LEU A 172 20.46 -14.57 -5.22
C LEU A 172 21.39 -15.21 -6.26
N TRP A 173 21.75 -16.49 -6.06
CA TRP A 173 22.75 -17.15 -6.90
C TRP A 173 22.43 -17.14 -8.39
N TYR A 174 21.18 -16.86 -8.75
CA TYR A 174 20.77 -16.95 -10.14
C TYR A 174 20.32 -15.61 -10.70
N ARG A 175 20.51 -14.56 -9.90
CA ARG A 175 20.13 -13.20 -10.26
C ARG A 175 21.14 -12.47 -11.13
N ALA A 176 20.63 -11.85 -12.19
CA ALA A 176 21.44 -11.04 -13.10
C ALA A 176 22.12 -9.84 -12.39
N PRO A 177 23.39 -9.56 -12.75
CA PRO A 177 24.16 -8.51 -12.06
C PRO A 177 23.48 -7.16 -12.16
N ASP A 178 22.85 -6.88 -13.30
CA ASP A 178 22.17 -5.59 -13.50
C ASP A 178 20.93 -5.43 -12.61
N VAL A 179 20.16 -6.51 -12.49
CA VAL A 179 19.05 -6.53 -11.55
C VAL A 179 19.54 -6.26 -10.13
N LEU A 180 20.63 -6.90 -9.73
CA LEU A 180 21.23 -6.68 -8.41
C LEU A 180 21.78 -5.26 -8.28
N MET A 181 21.91 -4.57 -9.41
CA MET A 181 22.34 -3.18 -9.38
C MET A 181 21.17 -2.20 -9.45
N GLY A 182 19.97 -2.71 -9.15
CA GLY A 182 18.77 -1.89 -8.96
C GLY A 182 17.96 -1.60 -10.20
N SER A 183 18.36 -2.18 -11.33
CA SER A 183 17.72 -1.99 -12.63
C SER A 183 16.22 -2.20 -12.56
N ARG A 184 15.47 -1.28 -13.15
CA ARG A 184 14.03 -1.42 -13.22
C ARG A 184 13.53 -1.29 -14.65
N THR A 185 14.41 -1.54 -15.60
CA THR A 185 14.02 -1.56 -17.02
C THR A 185 14.45 -2.87 -17.67
N TYR A 186 14.74 -3.88 -16.85
CA TYR A 186 15.15 -5.17 -17.40
C TYR A 186 14.04 -5.80 -18.21
N SER A 187 14.45 -6.46 -19.29
CA SER A 187 13.51 -7.19 -20.13
C SER A 187 13.67 -8.70 -19.96
N THR A 188 13.41 -9.39 -21.05
CA THR A 188 13.39 -10.84 -21.10
C THR A 188 14.74 -11.48 -20.75
N SER A 189 15.78 -10.64 -20.64
CA SER A 189 17.15 -11.10 -20.49
C SER A 189 17.52 -11.52 -19.08
N ILE A 190 16.63 -11.26 -18.13
CA ILE A 190 16.84 -11.65 -16.73
C ILE A 190 16.84 -13.17 -16.60
N ASP A 191 16.00 -13.82 -17.39
CA ASP A 191 15.86 -15.27 -17.31
C ASP A 191 17.02 -16.03 -17.98
N ILE A 192 17.70 -15.37 -18.90
CA ILE A 192 18.80 -15.99 -19.62
C ILE A 192 20.04 -16.11 -18.74
N TRP A 193 20.26 -15.11 -17.87
CA TRP A 193 21.34 -15.20 -16.88
C TRP A 193 21.17 -16.47 -16.00
N SER A 194 20.00 -16.64 -15.41
CA SER A 194 19.72 -17.81 -14.57
C SER A 194 19.97 -19.13 -15.32
N CYS A 195 19.72 -19.12 -16.63
CA CYS A 195 19.94 -20.31 -17.46
C CYS A 195 21.42 -20.67 -17.57
N GLY A 196 22.28 -19.66 -17.64
CA GLY A 196 23.73 -19.87 -17.71
C GLY A 196 24.30 -20.33 -16.39
N CYS A 197 23.61 -20.00 -15.29
CA CYS A 197 24.01 -20.45 -13.97
C CYS A 197 23.50 -21.86 -13.72
N ILE A 198 22.25 -22.11 -14.11
CA ILE A 198 21.70 -23.45 -14.04
C ILE A 198 22.65 -24.37 -14.79
N LEU A 199 23.17 -23.89 -15.91
CA LEU A 199 24.01 -24.69 -16.79
C LEU A 199 25.33 -25.04 -16.14
N ALA A 200 26.03 -24.05 -15.60
CA ALA A 200 27.33 -24.26 -14.97
C ALA A 200 27.18 -25.25 -13.83
N GLU A 201 26.14 -25.06 -13.04
CA GLU A 201 25.77 -25.97 -11.96
C GLU A 201 25.68 -27.42 -12.43
N MET A 202 24.84 -27.68 -13.43
CA MET A 202 24.66 -29.03 -13.98
C MET A 202 25.97 -29.63 -14.49
N ILE A 203 26.84 -28.77 -15.02
CA ILE A 203 28.15 -29.15 -15.56
C ILE A 203 29.13 -29.52 -14.43
N THR A 204 29.16 -28.70 -13.38
CA THR A 204 30.15 -28.84 -12.31
C THR A 204 29.65 -29.60 -11.07
N GLY A 205 28.44 -29.30 -10.62
CA GLY A 205 27.93 -29.87 -9.38
C GLY A 205 27.68 -28.80 -8.34
N LYS A 206 28.61 -27.85 -8.23
CA LYS A 206 28.48 -26.69 -7.33
C LYS A 206 27.99 -25.44 -8.08
N PRO A 207 27.26 -24.54 -7.37
CA PRO A 207 26.74 -23.27 -7.94
C PRO A 207 27.83 -22.28 -8.36
N LEU A 208 27.63 -21.60 -9.49
CA LEU A 208 28.63 -20.69 -10.03
C LEU A 208 28.86 -19.43 -9.18
N PHE A 209 27.80 -18.87 -8.59
CA PHE A 209 27.94 -17.67 -7.77
C PHE A 209 27.26 -17.82 -6.40
N PRO A 210 27.88 -18.62 -5.50
CA PRO A 210 27.21 -18.95 -4.23
C PRO A 210 27.30 -17.82 -3.20
N GLY A 211 26.76 -16.65 -3.55
CA GLY A 211 26.82 -15.46 -2.70
C GLY A 211 25.93 -15.57 -1.47
N THR A 212 26.17 -14.68 -0.51
CA THR A 212 25.39 -14.63 0.73
C THR A 212 24.42 -13.45 0.72
N ASN A 213 24.78 -12.38 0.03
CA ASN A 213 23.97 -11.16 0.02
C ASN A 213 24.21 -10.30 -1.23
N ASP A 214 23.40 -9.25 -1.36
CA ASP A 214 23.48 -8.28 -2.47
C ASP A 214 24.91 -7.91 -2.86
N GLU A 215 25.72 -7.56 -1.87
CA GLU A 215 27.09 -7.12 -2.08
C GLU A 215 27.98 -8.25 -2.58
N GLU A 216 27.94 -9.38 -1.87
CA GLU A 216 28.80 -10.52 -2.16
C GLU A 216 28.52 -11.13 -3.53
N GLN A 217 27.25 -11.27 -3.87
CA GLN A 217 26.84 -11.84 -5.16
C GLN A 217 27.47 -11.09 -6.32
N LEU A 218 27.37 -9.75 -6.31
CA LEU A 218 27.96 -8.94 -7.35
C LEU A 218 29.47 -9.16 -7.44
N LYS A 219 30.15 -9.03 -6.31
CA LYS A 219 31.59 -9.28 -6.23
C LYS A 219 31.95 -10.65 -6.83
N LEU A 220 31.16 -11.67 -6.49
CA LEU A 220 31.42 -13.03 -6.97
C LEU A 220 31.21 -13.15 -8.48
N ILE A 221 30.32 -12.34 -9.02
CA ILE A 221 30.12 -12.32 -10.46
C ILE A 221 31.34 -11.67 -11.12
N PHE A 222 31.70 -10.48 -10.65
CA PHE A 222 32.84 -9.73 -11.18
C PHE A 222 34.19 -10.43 -11.01
N ASP A 223 34.34 -11.29 -9.99
CA ASP A 223 35.59 -12.02 -9.82
C ASP A 223 35.84 -13.00 -10.96
N ILE A 224 34.76 -13.41 -11.63
CA ILE A 224 34.85 -14.33 -12.77
C ILE A 224 34.56 -13.65 -14.09
N MET A 225 33.49 -12.85 -14.15
CA MET A 225 33.05 -12.27 -15.42
C MET A 225 33.81 -11.01 -15.77
N GLY A 226 34.61 -10.53 -14.84
CA GLY A 226 35.21 -9.20 -14.93
C GLY A 226 34.22 -8.19 -14.40
N THR A 227 34.71 -7.01 -14.03
CA THR A 227 33.84 -5.88 -13.68
C THR A 227 33.15 -5.37 -14.95
N PRO A 228 32.06 -4.58 -14.81
CA PRO A 228 31.35 -4.13 -16.01
C PRO A 228 32.22 -3.33 -16.97
N ASN A 229 32.04 -3.56 -18.25
CA ASN A 229 32.81 -2.85 -19.26
C ASN A 229 32.05 -1.61 -19.73
N GLU A 230 32.17 -0.52 -18.96
CA GLU A 230 31.51 0.76 -19.25
C GLU A 230 31.58 1.10 -20.72
N SER A 231 32.66 0.66 -21.33
CA SER A 231 32.97 0.92 -22.74
C SER A 231 31.93 0.27 -23.65
N LEU A 232 31.83 -1.06 -23.61
CA LEU A 232 30.83 -1.77 -24.41
C LEU A 232 29.61 -2.21 -23.58
N TRP A 233 29.00 -1.21 -22.93
CA TRP A 233 27.83 -1.31 -22.04
C TRP A 233 27.64 0.04 -21.33
N PRO A 234 27.29 1.10 -22.08
CA PRO A 234 27.24 2.44 -21.47
C PRO A 234 26.02 2.62 -20.59
N SER A 235 25.07 1.69 -20.72
CA SER A 235 23.79 1.74 -20.05
C SER A 235 23.98 1.57 -18.53
N VAL A 236 25.06 0.87 -18.16
CA VAL A 236 25.35 0.54 -16.75
C VAL A 236 25.56 1.74 -15.81
N THR A 237 25.97 2.87 -16.37
CA THR A 237 26.19 4.10 -15.60
C THR A 237 24.88 4.70 -15.10
N LYS A 238 23.76 4.27 -15.70
CA LYS A 238 22.42 4.68 -15.26
C LYS A 238 21.80 3.83 -14.16
N LEU A 239 22.41 2.69 -13.84
CA LEU A 239 21.87 1.78 -12.83
C LEU A 239 22.01 2.35 -11.43
N PRO A 240 20.90 2.39 -10.66
CA PRO A 240 20.87 3.03 -9.35
C PRO A 240 21.93 2.58 -8.36
N LYS A 241 22.25 1.27 -8.32
CA LYS A 241 23.29 0.76 -7.43
C LYS A 241 24.67 0.63 -8.13
N TYR A 242 24.93 1.51 -9.10
CA TYR A 242 26.17 1.45 -9.87
C TYR A 242 27.30 2.19 -9.17
N ASN A 243 28.49 1.57 -9.18
CA ASN A 243 29.68 2.16 -8.59
C ASN A 243 30.80 2.40 -9.60
N PRO A 244 31.11 3.68 -9.86
CA PRO A 244 32.17 4.06 -10.82
C PRO A 244 33.58 3.86 -10.27
N ASN A 245 33.68 3.54 -8.98
CA ASN A 245 34.97 3.48 -8.31
C ASN A 245 35.28 2.07 -7.81
N ILE A 246 34.77 1.07 -8.53
CA ILE A 246 35.10 -0.34 -8.29
C ILE A 246 36.46 -0.68 -8.87
N GLN A 247 37.22 -1.45 -8.10
CA GLN A 247 38.48 -2.01 -8.54
C GLN A 247 38.19 -2.84 -9.79
N GLN A 248 38.70 -2.39 -10.92
CA GLN A 248 38.45 -3.05 -12.19
C GLN A 248 39.15 -4.39 -12.31
N ARG A 249 38.39 -5.40 -12.72
CA ARG A 249 38.90 -6.77 -12.81
C ARG A 249 38.86 -7.28 -14.24
N PRO A 250 39.91 -8.02 -14.66
CA PRO A 250 39.85 -8.67 -15.97
C PRO A 250 38.98 -9.93 -15.87
N PRO A 251 38.17 -10.20 -16.91
CA PRO A 251 37.38 -11.42 -16.90
C PRO A 251 38.28 -12.65 -16.81
N ARG A 252 37.91 -13.57 -15.93
CA ARG A 252 38.58 -14.85 -15.82
C ARG A 252 37.92 -15.76 -16.85
N ASP A 253 38.73 -16.46 -17.66
CA ASP A 253 38.18 -17.36 -18.68
C ASP A 253 37.50 -18.58 -18.04
N LEU A 254 36.21 -18.74 -18.36
CA LEU A 254 35.33 -19.73 -17.74
C LEU A 254 35.84 -21.18 -17.76
N ARG A 255 36.61 -21.53 -18.78
CA ARG A 255 37.09 -22.91 -18.91
C ARG A 255 37.94 -23.33 -17.71
N GLN A 256 38.85 -22.46 -17.27
CA GLN A 256 39.71 -22.79 -16.13
C GLN A 256 38.98 -22.70 -14.76
N VAL A 257 37.71 -22.32 -14.79
CA VAL A 257 36.90 -22.28 -13.57
C VAL A 257 36.07 -23.56 -13.46
N LEU A 258 35.52 -24.01 -14.58
CA LEU A 258 34.63 -25.17 -14.61
C LEU A 258 35.42 -26.47 -14.73
N GLN A 259 36.17 -26.59 -15.83
CA GLN A 259 36.94 -27.80 -16.19
C GLN A 259 37.49 -28.63 -15.02
N PRO A 260 38.23 -28.00 -14.08
CA PRO A 260 38.77 -28.77 -12.95
C PRO A 260 37.72 -29.64 -12.23
N HIS A 261 36.46 -29.22 -12.24
CA HIS A 261 35.38 -29.95 -11.55
C HIS A 261 34.29 -30.50 -12.49
N THR A 262 34.69 -30.99 -13.66
CA THR A 262 33.77 -31.72 -14.56
C THR A 262 34.50 -32.88 -15.24
N LYS A 263 34.05 -34.10 -14.98
CA LYS A 263 34.74 -35.34 -15.42
C LYS A 263 35.05 -35.42 -16.92
N GLU A 264 34.27 -34.71 -17.73
CA GLU A 264 34.41 -34.76 -19.19
C GLU A 264 35.00 -33.45 -19.72
N PRO A 265 35.74 -33.51 -20.86
CA PRO A 265 36.29 -32.32 -21.50
C PRO A 265 35.21 -31.37 -22.02
N LEU A 266 35.40 -30.07 -21.79
CA LEU A 266 34.44 -29.06 -22.22
C LEU A 266 34.78 -28.57 -23.62
N ASP A 267 33.95 -28.95 -24.59
CA ASP A 267 34.19 -28.58 -25.99
C ASP A 267 33.92 -27.10 -26.22
N GLY A 268 34.41 -26.58 -27.35
CA GLY A 268 34.31 -25.17 -27.69
C GLY A 268 32.90 -24.66 -27.79
N ASN A 269 32.04 -25.44 -28.46
CA ASN A 269 30.62 -25.11 -28.61
C ASN A 269 29.92 -24.85 -27.29
N LEU A 270 30.00 -25.83 -26.39
CA LEU A 270 29.47 -25.70 -25.03
C LEU A 270 29.91 -24.38 -24.39
N MET A 271 31.16 -24.02 -24.62
CA MET A 271 31.78 -22.86 -24.03
C MET A 271 31.32 -21.54 -24.64
N ASP A 272 31.23 -21.49 -25.97
CA ASP A 272 30.68 -20.30 -26.64
C ASP A 272 29.23 -20.07 -26.21
N PHE A 273 28.48 -21.17 -26.11
CA PHE A 273 27.09 -21.13 -25.69
C PHE A 273 26.96 -20.52 -24.30
N LEU A 274 27.83 -20.97 -23.39
CA LEU A 274 27.83 -20.56 -22.01
C LEU A 274 28.16 -19.08 -21.84
N HIS A 275 29.17 -18.61 -22.58
CA HIS A 275 29.56 -17.19 -22.60
C HIS A 275 28.43 -16.32 -23.15
N GLY A 276 27.71 -16.86 -24.14
CA GLY A 276 26.57 -16.18 -24.75
C GLY A 276 25.46 -15.89 -23.77
N LEU A 277 25.25 -16.79 -22.83
CA LEU A 277 24.24 -16.64 -21.78
C LEU A 277 24.73 -15.70 -20.67
N LEU A 278 26.02 -15.77 -20.34
CA LEU A 278 26.56 -15.04 -19.20
C LEU A 278 27.38 -13.83 -19.61
N GLN A 279 26.81 -13.00 -20.48
CA GLN A 279 27.32 -11.65 -20.70
C GLN A 279 26.80 -10.81 -19.54
N LEU A 280 27.53 -9.76 -19.17
CA LEU A 280 27.11 -8.87 -18.09
C LEU A 280 26.02 -7.95 -18.59
N ASN A 281 26.26 -7.37 -19.79
CA ASN A 281 25.32 -6.49 -20.49
C ASN A 281 24.13 -7.27 -21.05
N PRO A 282 22.90 -6.97 -20.55
CA PRO A 282 21.69 -7.63 -21.02
C PRO A 282 21.62 -7.78 -22.53
N ASP A 283 21.85 -6.69 -23.26
CA ASP A 283 21.71 -6.68 -24.71
C ASP A 283 22.66 -7.62 -25.40
N MET A 284 23.75 -7.98 -24.71
CA MET A 284 24.74 -8.92 -25.22
C MET A 284 24.35 -10.36 -24.90
N ARG A 285 23.36 -10.52 -24.03
CA ARG A 285 22.89 -11.82 -23.58
C ARG A 285 22.16 -12.46 -24.75
N LEU A 286 22.35 -13.77 -24.92
CA LEU A 286 21.65 -14.54 -25.94
C LEU A 286 20.15 -14.54 -25.64
N SER A 287 19.30 -14.65 -26.66
CA SER A 287 17.87 -14.84 -26.41
C SER A 287 17.54 -16.33 -26.39
N ALA A 288 16.49 -16.71 -25.66
CA ALA A 288 16.04 -18.09 -25.59
C ALA A 288 15.88 -18.72 -26.97
N LYS A 289 15.25 -17.98 -27.89
CA LYS A 289 15.08 -18.40 -29.28
C LYS A 289 16.43 -18.62 -29.94
N GLN A 290 17.35 -17.67 -29.74
CA GLN A 290 18.67 -17.71 -30.32
C GLN A 290 19.49 -18.84 -29.73
N ALA A 291 19.33 -19.04 -28.43
CA ALA A 291 20.00 -20.11 -27.69
C ALA A 291 19.66 -21.49 -28.26
N LEU A 292 18.42 -21.68 -28.71
CA LEU A 292 17.95 -22.98 -29.21
C LEU A 292 18.37 -23.24 -30.65
N HIS A 293 19.18 -22.34 -31.22
CA HIS A 293 19.71 -22.50 -32.58
C HIS A 293 21.23 -22.34 -32.60
N HIS A 294 21.82 -22.39 -31.41
CA HIS A 294 23.28 -22.36 -31.25
C HIS A 294 23.85 -23.67 -31.77
N PRO A 295 25.04 -23.62 -32.40
CA PRO A 295 25.70 -24.83 -32.86
C PRO A 295 25.80 -25.95 -31.82
N TRP A 296 25.74 -25.61 -30.54
CA TRP A 296 25.77 -26.62 -29.48
C TRP A 296 24.59 -27.60 -29.56
N PHE A 297 23.41 -27.09 -29.94
CA PHE A 297 22.21 -27.92 -30.15
C PHE A 297 21.99 -28.35 -31.63
N ALA A 298 23.05 -28.36 -32.44
CA ALA A 298 22.92 -28.73 -33.86
C ALA A 298 22.29 -30.10 -34.07
N GLU A 299 22.86 -31.10 -33.38
CA GLU A 299 22.47 -32.52 -33.49
C GLU A 299 21.02 -32.84 -33.08
N TYR A 300 20.29 -31.84 -32.62
CA TYR A 300 18.86 -31.95 -32.30
C TYR A 300 17.99 -31.63 -33.51
N TYR A 301 18.64 -31.44 -34.67
CA TYR A 301 17.96 -31.07 -35.91
C TYR A 301 18.37 -32.01 -37.05
N GLY B 17 -15.95 28.87 -25.90
CA GLY B 17 -14.52 28.49 -26.06
C GLY B 17 -14.06 27.59 -24.94
N ILE B 18 -13.38 26.50 -25.29
CA ILE B 18 -12.91 25.51 -24.31
C ILE B 18 -11.53 24.94 -24.68
N PRO B 19 -10.67 24.68 -23.67
CA PRO B 19 -9.30 24.19 -23.92
C PRO B 19 -9.25 22.94 -24.81
N LYS B 20 -8.14 22.77 -25.52
CA LYS B 20 -7.95 21.65 -26.45
C LYS B 20 -6.60 20.94 -26.30
N VAL B 21 -6.48 20.08 -25.30
CA VAL B 21 -5.24 19.32 -25.06
C VAL B 21 -5.07 18.10 -25.99
N ILE B 22 -3.93 18.06 -26.68
CA ILE B 22 -3.58 16.93 -27.54
C ILE B 22 -2.80 15.86 -26.76
N LEU B 23 -3.35 14.64 -26.71
CA LEU B 23 -2.72 13.52 -26.01
C LEU B 23 -1.66 12.80 -26.86
N PRO B 24 -0.73 12.08 -26.21
CA PRO B 24 0.22 11.22 -26.94
C PRO B 24 -0.39 9.88 -27.42
N ALA B 25 0.32 9.20 -28.32
CA ALA B 25 -0.10 7.87 -28.80
C ALA B 25 -0.04 6.80 -27.68
N ASP B 26 1.00 6.89 -26.86
CA ASP B 26 1.18 5.99 -25.71
C ASP B 26 0.52 6.55 -24.45
N PHE B 27 -0.48 5.83 -23.96
CA PHE B 27 -1.29 6.28 -22.81
C PHE B 27 -0.50 6.42 -21.52
N ASN B 28 0.64 5.72 -21.44
CA ASN B 28 1.53 5.83 -20.29
C ASN B 28 2.25 7.16 -20.23
N LYS B 29 2.53 7.74 -21.39
CA LYS B 29 3.22 9.03 -21.46
C LYS B 29 2.21 10.16 -21.36
N CYS B 30 1.09 9.88 -20.69
CA CYS B 30 -0.06 10.77 -20.64
C CYS B 30 -0.55 10.93 -19.21
N SER B 31 -0.85 12.17 -18.83
CA SER B 31 -1.29 12.50 -17.46
C SER B 31 -2.44 11.61 -16.99
N ARG B 32 -2.25 10.91 -15.87
CA ARG B 32 -3.33 10.04 -15.37
C ARG B 32 -4.48 10.77 -14.68
N THR B 33 -4.49 12.09 -14.74
CA THR B 33 -5.71 12.83 -14.44
C THR B 33 -6.56 12.83 -15.71
N ASP B 34 -5.91 12.99 -16.85
CA ASP B 34 -6.59 12.91 -18.13
C ASP B 34 -7.31 11.56 -18.31
N LEU B 35 -6.62 10.46 -18.01
CA LEU B 35 -7.27 9.15 -18.10
C LEU B 35 -8.46 9.03 -17.15
N VAL B 36 -8.32 9.49 -15.91
CA VAL B 36 -9.43 9.47 -14.96
C VAL B 36 -10.63 10.34 -15.40
N VAL B 37 -10.40 11.41 -16.18
CA VAL B 37 -11.53 12.13 -16.75
C VAL B 37 -12.09 11.43 -17.99
N LEU B 38 -11.20 10.86 -18.81
CA LEU B 38 -11.63 10.13 -20.01
C LEU B 38 -12.47 8.92 -19.68
N ILE B 39 -12.01 8.13 -18.72
CA ILE B 39 -12.70 6.90 -18.35
C ILE B 39 -14.05 7.24 -17.69
N SER B 40 -14.02 8.10 -16.68
CA SER B 40 -15.24 8.53 -15.98
C SER B 40 -16.31 8.95 -17.00
N ARG B 41 -15.88 9.73 -17.99
CA ARG B 41 -16.76 10.15 -19.09
C ARG B 41 -17.40 8.95 -19.78
N MET B 42 -16.57 8.02 -20.24
CA MET B 42 -17.04 6.81 -20.88
C MET B 42 -17.99 6.04 -19.97
N LEU B 43 -17.67 5.99 -18.68
CA LEU B 43 -18.48 5.29 -17.69
C LEU B 43 -19.92 5.82 -17.54
N VAL B 44 -20.09 7.12 -17.37
CA VAL B 44 -21.44 7.68 -17.24
C VAL B 44 -22.21 7.67 -18.57
N SER B 45 -21.48 7.58 -19.68
CA SER B 45 -22.09 7.47 -20.99
C SER B 45 -22.71 6.08 -21.12
N LEU B 46 -21.98 5.06 -20.69
CA LEU B 46 -22.53 3.72 -20.58
C LEU B 46 -23.70 3.67 -19.60
N ILE B 47 -23.50 4.28 -18.43
CA ILE B 47 -24.54 4.32 -17.39
C ILE B 47 -25.85 4.92 -17.90
N ALA B 48 -25.76 5.99 -18.70
CA ALA B 48 -26.94 6.61 -19.32
C ALA B 48 -27.63 5.66 -20.31
N ILE B 49 -26.85 5.15 -21.25
CA ILE B 49 -27.37 4.29 -22.31
C ILE B 49 -27.96 3.00 -21.73
N ASN B 50 -27.16 2.26 -20.95
CA ASN B 50 -27.57 1.00 -20.32
C ASN B 50 -28.85 1.10 -19.53
N GLU B 51 -29.12 2.30 -19.01
CA GLU B 51 -30.32 2.53 -18.23
C GLU B 51 -31.46 3.01 -19.12
N ASN B 52 -31.30 4.16 -19.76
CA ASN B 52 -32.36 4.70 -20.62
C ASN B 52 -32.59 3.82 -21.86
N SER B 53 -33.00 2.58 -21.59
CA SER B 53 -33.06 1.49 -22.58
C SER B 53 -33.95 0.33 -22.10
N ILE B 62 -35.46 -8.06 -11.45
CA ILE B 62 -34.06 -7.72 -11.66
C ILE B 62 -33.17 -8.34 -10.58
N THR B 63 -32.67 -9.55 -10.85
CA THR B 63 -31.78 -10.25 -9.92
C THR B 63 -30.45 -9.52 -9.68
N LEU B 64 -30.25 -9.12 -8.41
CA LEU B 64 -29.15 -8.25 -7.98
C LEU B 64 -27.81 -8.96 -7.96
N THR B 65 -26.73 -8.17 -7.97
CA THR B 65 -25.36 -8.70 -7.88
C THR B 65 -24.65 -8.11 -6.65
N ARG B 66 -23.41 -8.54 -6.40
CA ARG B 66 -22.57 -8.00 -5.33
C ARG B 66 -22.13 -6.57 -5.59
N TYR B 67 -22.16 -6.17 -6.87
CA TYR B 67 -21.73 -4.84 -7.29
C TYR B 67 -22.86 -3.82 -7.17
N HIS B 68 -24.00 -4.26 -6.65
CA HIS B 68 -25.16 -3.40 -6.48
C HIS B 68 -25.15 -2.66 -5.16
N SER B 69 -25.42 -1.36 -5.23
CA SER B 69 -25.67 -0.56 -4.04
C SER B 69 -27.17 -0.37 -3.84
N LYS B 70 -27.60 -0.24 -2.59
CA LYS B 70 -29.02 -0.04 -2.27
C LYS B 70 -29.61 1.20 -2.96
N ILE B 71 -28.78 2.23 -3.12
CA ILE B 71 -29.16 3.48 -3.78
C ILE B 71 -27.92 4.09 -4.43
N PRO B 72 -28.11 4.96 -5.46
CA PRO B 72 -26.94 5.60 -6.08
C PRO B 72 -26.18 6.46 -5.07
N PRO B 73 -24.87 6.23 -4.93
CA PRO B 73 -24.08 6.98 -3.96
C PRO B 73 -23.99 8.43 -4.36
N ASN B 74 -23.95 9.33 -3.37
CA ASN B 74 -23.95 10.76 -3.60
C ASN B 74 -22.60 11.35 -4.03
N ILE B 75 -21.69 10.49 -4.49
CA ILE B 75 -20.42 10.96 -5.03
C ILE B 75 -20.31 10.54 -6.49
N SER B 76 -20.11 11.51 -7.37
CA SER B 76 -19.97 11.26 -8.80
C SER B 76 -18.83 10.30 -9.06
N ILE B 77 -18.89 9.60 -10.20
CA ILE B 77 -17.93 8.56 -10.53
C ILE B 77 -16.49 9.10 -10.57
N PHE B 78 -16.31 10.24 -11.22
CA PHE B 78 -15.00 10.89 -11.32
C PHE B 78 -14.34 11.21 -9.96
N ASN B 79 -15.02 12.00 -9.14
CA ASN B 79 -14.55 12.32 -7.78
C ASN B 79 -14.21 11.09 -6.96
N TYR B 80 -14.87 9.98 -7.24
CA TYR B 80 -14.56 8.74 -6.59
C TYR B 80 -13.34 8.13 -7.26
N PHE B 81 -13.26 8.25 -8.58
CA PHE B 81 -12.18 7.64 -9.35
C PHE B 81 -10.82 8.29 -9.08
N ILE B 82 -10.70 9.62 -9.12
CA ILE B 82 -9.41 10.27 -8.77
C ILE B 82 -8.95 9.89 -7.37
N ARG B 83 -9.88 9.88 -6.43
CA ARG B 83 -9.57 9.54 -5.05
C ARG B 83 -8.84 8.20 -5.00
N LEU B 84 -9.43 7.17 -5.61
CA LEU B 84 -8.81 5.86 -5.63
C LEU B 84 -7.41 5.96 -6.19
N THR B 85 -7.26 6.74 -7.26
CA THR B 85 -6.01 6.99 -7.97
C THR B 85 -4.92 7.62 -7.07
N LYS B 86 -5.25 8.76 -6.45
CA LYS B 86 -4.33 9.50 -5.56
C LYS B 86 -3.84 8.66 -4.36
N PHE B 87 -4.76 7.99 -3.68
CA PHE B 87 -4.49 7.37 -2.36
C PHE B 87 -4.23 5.87 -2.41
N SER B 88 -4.16 5.31 -3.62
CA SER B 88 -3.80 3.93 -3.83
C SER B 88 -2.79 3.80 -4.94
N SER B 89 -2.34 4.94 -5.46
CA SER B 89 -1.21 4.97 -6.42
C SER B 89 -1.51 4.11 -7.64
N LEU B 90 -2.71 4.24 -8.16
CA LEU B 90 -3.16 3.48 -9.32
C LEU B 90 -2.33 3.85 -10.55
N GLU B 91 -1.54 2.86 -11.02
CA GLU B 91 -0.78 2.95 -12.27
C GLU B 91 -1.70 3.07 -13.49
N HIS B 92 -1.19 3.71 -14.55
CA HIS B 92 -1.89 3.91 -15.84
C HIS B 92 -2.56 2.67 -16.43
N CYS B 93 -1.77 1.64 -16.72
CA CYS B 93 -2.29 0.38 -17.25
C CYS B 93 -3.44 -0.21 -16.43
N VAL B 94 -3.44 0.04 -15.11
CA VAL B 94 -4.53 -0.37 -14.24
C VAL B 94 -5.79 0.45 -14.53
N LEU B 95 -5.62 1.74 -14.79
CA LEU B 95 -6.76 2.58 -15.16
C LEU B 95 -7.40 2.12 -16.47
N MET B 96 -6.57 1.74 -17.44
CA MET B 96 -7.10 1.24 -18.71
C MET B 96 -7.74 -0.11 -18.50
N THR B 97 -7.01 -1.00 -17.84
CA THR B 97 -7.54 -2.31 -17.48
C THR B 97 -8.91 -2.20 -16.84
N SER B 98 -9.08 -1.26 -15.90
CA SER B 98 -10.36 -1.09 -15.17
C SER B 98 -11.54 -0.94 -16.13
N LEU B 99 -11.38 -0.04 -17.11
CA LEU B 99 -12.38 0.20 -18.14
C LEU B 99 -12.70 -1.09 -18.89
N TYR B 100 -11.66 -1.70 -19.44
CA TYR B 100 -11.75 -3.01 -20.08
C TYR B 100 -12.52 -4.07 -19.28
N TYR B 101 -12.26 -4.14 -17.98
CA TYR B 101 -12.94 -5.10 -17.08
C TYR B 101 -14.48 -5.00 -17.09
N ILE B 102 -15.02 -3.84 -17.50
CA ILE B 102 -16.46 -3.68 -17.72
C ILE B 102 -16.89 -4.62 -18.83
N ASP B 103 -16.29 -4.48 -20.02
CA ASP B 103 -16.60 -5.33 -21.18
C ASP B 103 -16.42 -6.80 -20.85
N LEU B 104 -15.45 -7.10 -20.00
CA LEU B 104 -15.23 -8.48 -19.59
C LEU B 104 -16.43 -8.97 -18.80
N LEU B 105 -16.62 -8.38 -17.62
CA LEU B 105 -17.71 -8.75 -16.72
C LEU B 105 -19.07 -8.70 -17.40
N GLN B 106 -19.31 -7.67 -18.21
CA GLN B 106 -20.56 -7.55 -18.98
C GLN B 106 -20.77 -8.65 -20.02
N THR B 107 -19.70 -9.37 -20.40
CA THR B 107 -19.83 -10.39 -21.42
C THR B 107 -19.92 -11.77 -20.80
N VAL B 108 -19.53 -11.90 -19.55
CA VAL B 108 -19.40 -13.24 -18.97
C VAL B 108 -20.17 -13.41 -17.66
N TYR B 109 -20.69 -12.30 -17.14
CA TYR B 109 -21.63 -12.33 -16.03
C TYR B 109 -22.92 -11.77 -16.60
N PRO B 110 -23.77 -12.65 -17.15
CA PRO B 110 -25.05 -12.19 -17.70
C PRO B 110 -25.74 -11.16 -16.79
N ASP B 111 -25.91 -11.47 -15.50
CA ASP B 111 -26.59 -10.57 -14.57
C ASP B 111 -26.03 -9.14 -14.48
N PHE B 112 -24.73 -8.97 -14.67
CA PHE B 112 -24.07 -7.67 -14.49
C PHE B 112 -24.25 -6.70 -15.67
N THR B 113 -24.81 -5.53 -15.38
CA THR B 113 -24.78 -4.40 -16.32
C THR B 113 -24.20 -3.19 -15.59
N LEU B 114 -23.39 -2.41 -16.29
CA LEU B 114 -22.91 -1.18 -15.71
C LEU B 114 -24.03 -0.15 -15.73
N ASN B 115 -24.30 0.41 -14.55
CA ASN B 115 -25.39 1.36 -14.37
C ASN B 115 -25.15 2.03 -13.03
N SER B 116 -25.78 3.18 -12.82
CA SER B 116 -25.54 3.98 -11.62
C SER B 116 -25.70 3.26 -10.28
N LEU B 117 -26.07 1.98 -10.31
CA LEU B 117 -26.13 1.18 -9.08
C LEU B 117 -24.93 0.25 -8.95
N THR B 118 -24.18 0.08 -10.03
CA THR B 118 -23.04 -0.86 -10.07
C THR B 118 -21.67 -0.21 -10.23
N ALA B 119 -21.62 0.99 -10.79
CA ALA B 119 -20.36 1.67 -11.10
C ALA B 119 -19.35 1.58 -9.98
N HIS B 120 -19.59 2.33 -8.91
CA HIS B 120 -18.71 2.38 -7.76
C HIS B 120 -18.18 1.02 -7.29
N ARG B 121 -19.02 0.17 -6.72
CA ARG B 121 -18.56 -1.15 -6.27
C ARG B 121 -17.79 -1.95 -7.31
N PHE B 122 -18.21 -1.89 -8.57
CA PHE B 122 -17.46 -2.53 -9.64
C PHE B 122 -16.09 -1.88 -9.77
N LEU B 123 -16.08 -0.55 -9.78
CA LEU B 123 -14.85 0.21 -9.98
C LEU B 123 -13.84 -0.14 -8.89
N LEU B 124 -14.23 0.09 -7.64
CA LEU B 124 -13.42 -0.28 -6.49
C LEU B 124 -12.85 -1.68 -6.72
N THR B 125 -13.71 -2.65 -6.99
CA THR B 125 -13.27 -4.03 -7.25
C THR B 125 -12.26 -4.11 -8.38
N ALA B 126 -12.59 -3.58 -9.55
CA ALA B 126 -11.76 -3.77 -10.74
C ALA B 126 -10.34 -3.24 -10.52
N THR B 127 -10.24 -1.93 -10.40
CA THR B 127 -9.10 -1.24 -9.84
C THR B 127 -8.17 -2.07 -8.95
N THR B 128 -8.70 -2.73 -7.91
CA THR B 128 -7.82 -3.44 -7.00
C THR B 128 -7.52 -4.87 -7.43
N VAL B 129 -8.21 -5.35 -8.46
CA VAL B 129 -7.85 -6.66 -9.00
C VAL B 129 -6.82 -6.47 -10.11
N ALA B 130 -6.96 -5.38 -10.86
CA ALA B 130 -6.03 -5.05 -11.92
C ALA B 130 -4.65 -4.85 -11.33
N THR B 131 -4.57 -4.13 -10.21
CA THR B 131 -3.30 -3.83 -9.56
C THR B 131 -2.68 -5.11 -9.01
N LYS B 132 -3.40 -5.80 -8.13
CA LYS B 132 -2.92 -7.04 -7.52
C LYS B 132 -2.63 -8.11 -8.55
N GLY B 133 -3.24 -8.03 -9.73
CA GLY B 133 -3.10 -9.09 -10.70
C GLY B 133 -1.94 -8.91 -11.66
N LEU B 134 -1.66 -7.67 -12.02
CA LEU B 134 -0.82 -7.36 -13.15
C LEU B 134 0.43 -6.56 -12.81
N CYS B 135 0.46 -5.98 -11.61
CA CYS B 135 1.50 -5.03 -11.18
C CYS B 135 2.51 -5.54 -10.15
N ASP B 136 3.65 -4.85 -10.09
CA ASP B 136 4.72 -5.14 -9.13
C ASP B 136 4.54 -4.44 -7.80
N SER B 137 3.97 -3.24 -7.82
CA SER B 137 3.69 -2.47 -6.63
C SER B 137 2.18 -2.52 -6.34
N PHE B 138 1.81 -2.96 -5.14
CA PHE B 138 0.40 -3.07 -4.77
C PHE B 138 0.16 -2.98 -3.26
N SER B 139 -1.06 -2.60 -2.89
CA SER B 139 -1.47 -2.55 -1.50
C SER B 139 -2.19 -3.81 -1.00
N THR B 140 -2.71 -3.70 0.21
CA THR B 140 -3.55 -4.71 0.80
C THR B 140 -4.99 -4.31 0.49
N ASN B 141 -5.89 -5.29 0.48
CA ASN B 141 -7.32 -5.03 0.36
C ASN B 141 -7.77 -4.10 1.50
N ALA B 142 -7.23 -4.30 2.70
CA ALA B 142 -7.58 -3.46 3.86
C ALA B 142 -7.24 -2.00 3.61
N HIS B 143 -6.15 -1.75 2.88
CA HIS B 143 -5.80 -0.39 2.45
C HIS B 143 -6.80 0.13 1.41
N TYR B 144 -7.15 -0.75 0.47
CA TYR B 144 -8.03 -0.40 -0.66
C TYR B 144 -9.46 -0.18 -0.22
N ALA B 145 -9.90 -0.96 0.76
CA ALA B 145 -11.25 -0.87 1.31
C ALA B 145 -11.46 0.47 2.01
N LYS B 146 -10.44 0.91 2.74
CA LYS B 146 -10.45 2.19 3.46
C LYS B 146 -10.64 3.39 2.52
N VAL B 147 -9.79 3.46 1.50
CA VAL B 147 -9.88 4.54 0.53
C VAL B 147 -11.23 4.47 -0.21
N GLY B 148 -11.64 3.25 -0.54
CA GLY B 148 -12.87 3.01 -1.29
C GLY B 148 -14.15 3.23 -0.52
N GLY B 149 -14.06 3.24 0.81
CA GLY B 149 -15.20 3.54 1.65
C GLY B 149 -15.90 2.33 2.22
N VAL B 150 -15.47 1.13 1.82
CA VAL B 150 -16.12 -0.12 2.27
C VAL B 150 -15.35 -0.81 3.42
N ARG B 151 -16.03 -1.72 4.12
CA ARG B 151 -15.35 -2.58 5.10
C ARG B 151 -14.40 -3.51 4.36
N CYS B 152 -13.33 -3.95 5.02
CA CYS B 152 -12.33 -4.79 4.36
C CYS B 152 -12.98 -6.05 3.79
N HIS B 153 -13.76 -6.74 4.63
CA HIS B 153 -14.53 -7.93 4.27
C HIS B 153 -15.43 -7.70 3.04
N GLU B 154 -16.15 -6.59 3.02
CA GLU B 154 -16.94 -6.19 1.85
C GLU B 154 -16.10 -6.32 0.60
N LEU B 155 -14.91 -5.72 0.62
CA LEU B 155 -14.01 -5.78 -0.54
C LEU B 155 -13.45 -7.19 -0.84
N ASN B 156 -13.18 -7.97 0.20
CA ASN B 156 -12.69 -9.36 0.05
C ASN B 156 -13.63 -10.26 -0.75
N ILE B 157 -14.91 -10.28 -0.37
CA ILE B 157 -15.91 -11.08 -1.08
C ILE B 157 -16.27 -10.47 -2.43
N LEU B 158 -16.13 -9.16 -2.52
CA LEU B 158 -16.35 -8.44 -3.77
C LEU B 158 -15.22 -8.74 -4.77
N GLU B 159 -14.03 -9.03 -4.24
CA GLU B 159 -12.85 -9.34 -5.03
C GLU B 159 -12.90 -10.80 -5.49
N ASN B 160 -13.34 -11.64 -4.56
CA ASN B 160 -13.48 -13.07 -4.80
C ASN B 160 -14.58 -13.37 -5.83
N ASP B 161 -15.70 -12.64 -5.73
CA ASP B 161 -16.80 -12.74 -6.69
C ASP B 161 -16.27 -12.57 -8.10
N PHE B 162 -15.79 -11.36 -8.41
CA PHE B 162 -15.17 -11.05 -9.70
C PHE B 162 -14.21 -12.14 -10.22
N LEU B 163 -13.28 -12.58 -9.38
CA LEU B 163 -12.29 -13.58 -9.81
C LEU B 163 -12.92 -14.90 -10.20
N LYS B 164 -14.03 -15.26 -9.55
CA LYS B 164 -14.76 -16.47 -9.89
C LYS B 164 -15.51 -16.32 -11.21
N ARG B 165 -16.11 -15.15 -11.42
CA ARG B 165 -16.98 -14.91 -12.58
C ARG B 165 -16.20 -14.72 -13.87
N VAL B 166 -14.90 -14.45 -13.71
CA VAL B 166 -14.04 -14.01 -14.77
C VAL B 166 -13.06 -15.15 -14.99
N ASN B 167 -13.12 -16.09 -14.05
CA ASN B 167 -12.29 -17.30 -14.04
C ASN B 167 -10.79 -16.95 -14.03
N TYR B 168 -10.46 -15.88 -13.30
CA TYR B 168 -9.10 -15.36 -13.15
C TYR B 168 -8.46 -14.88 -14.44
N ARG B 169 -9.24 -14.87 -15.52
CA ARG B 169 -8.75 -14.42 -16.82
C ARG B 169 -8.70 -12.89 -16.87
N ILE B 170 -7.69 -12.33 -16.21
CA ILE B 170 -7.62 -10.90 -15.92
C ILE B 170 -6.63 -10.14 -16.81
N ILE B 171 -5.77 -10.87 -17.52
CA ILE B 171 -4.74 -10.26 -18.37
C ILE B 171 -5.36 -9.76 -19.66
N PRO B 172 -5.34 -8.43 -19.90
CA PRO B 172 -5.98 -7.93 -21.10
C PRO B 172 -5.18 -8.31 -22.33
N ARG B 173 -5.75 -9.22 -23.11
CA ARG B 173 -5.09 -9.71 -24.29
C ARG B 173 -6.16 -9.90 -25.38
N ASP B 174 -5.74 -9.86 -26.64
CA ASP B 174 -6.65 -9.87 -27.79
C ASP B 174 -7.79 -10.87 -27.66
N HIS B 175 -7.44 -12.13 -27.40
CA HIS B 175 -8.42 -13.21 -27.34
C HIS B 175 -8.89 -13.52 -25.91
N ASN B 176 -8.51 -12.70 -24.94
CA ASN B 176 -8.87 -12.98 -23.54
C ASN B 176 -10.38 -13.17 -23.32
N ILE B 177 -11.19 -12.14 -23.63
CA ILE B 177 -12.67 -12.22 -23.54
C ILE B 177 -13.28 -13.51 -24.15
N THR B 178 -12.91 -13.82 -25.40
CA THR B 178 -13.38 -15.03 -26.07
C THR B 178 -13.07 -16.29 -25.25
N LEU B 179 -11.80 -16.42 -24.85
CA LEU B 179 -11.32 -17.55 -24.08
C LEU B 179 -12.01 -17.65 -22.73
N CYS B 180 -12.31 -16.50 -22.14
CA CYS B 180 -13.08 -16.45 -20.90
C CYS B 180 -14.51 -16.96 -21.11
N SER B 181 -15.19 -16.45 -22.16
CA SER B 181 -16.51 -16.94 -22.57
C SER B 181 -16.57 -18.45 -22.84
N ILE B 182 -15.55 -18.96 -23.53
CA ILE B 182 -15.43 -20.39 -23.82
C ILE B 182 -15.21 -21.22 -22.55
N GLU B 183 -14.37 -20.71 -21.65
CA GLU B 183 -14.05 -21.40 -20.38
C GLU B 183 -15.20 -21.36 -19.36
N GLN B 184 -16.29 -20.70 -19.72
CA GLN B 184 -17.46 -20.68 -18.84
C GLN B 184 -18.04 -22.10 -18.64
N LYS B 185 -18.95 -22.26 -17.69
CA LYS B 185 -19.69 -23.51 -17.56
C LYS B 185 -20.81 -23.60 -18.60
N GLN B 186 -20.78 -24.64 -19.43
CA GLN B 186 -21.56 -24.64 -20.66
C GLN B 186 -22.81 -25.51 -20.57
N LYS B 187 -23.94 -24.93 -20.98
CA LYS B 187 -25.17 -25.67 -21.21
C LYS B 187 -24.98 -26.63 -22.38
N LYS B 188 -25.48 -27.85 -22.22
CA LYS B 188 -25.45 -28.83 -23.29
C LYS B 188 -26.65 -28.57 -24.21
N PHE B 189 -26.37 -28.34 -25.49
CA PHE B 189 -27.42 -28.16 -26.48
C PHE B 189 -27.59 -29.44 -27.29
N VAL B 190 -28.71 -29.57 -28.00
CA VAL B 190 -28.95 -30.72 -28.87
C VAL B 190 -28.02 -30.63 -30.08
N ILE B 191 -27.97 -29.43 -30.66
CA ILE B 191 -27.09 -29.12 -31.77
C ILE B 191 -25.94 -28.28 -31.21
N ASP B 192 -24.70 -28.77 -31.32
CA ASP B 192 -23.53 -28.05 -30.81
C ASP B 192 -23.35 -26.76 -31.59
N LYS B 193 -23.14 -25.67 -30.86
CA LYS B 193 -22.99 -24.33 -31.45
C LYS B 193 -21.57 -24.13 -31.94
N ASN B 194 -21.40 -23.96 -33.25
CA ASN B 194 -20.06 -23.72 -33.83
C ASN B 194 -20.09 -22.79 -35.04
N SER B 205 -2.97 -20.01 -29.26
CA SER B 205 -1.84 -19.64 -30.10
C SER B 205 -1.95 -18.17 -30.49
N TYR B 206 -1.03 -17.36 -29.99
CA TYR B 206 -0.95 -15.93 -30.29
C TYR B 206 0.19 -15.61 -31.25
N VAL B 207 0.66 -16.64 -31.97
CA VAL B 207 1.78 -16.52 -32.91
C VAL B 207 1.45 -15.57 -34.07
N ASN B 208 2.45 -14.83 -34.54
CA ASN B 208 2.32 -13.90 -35.68
C ASN B 208 1.40 -12.70 -35.44
N ARG B 209 0.57 -12.81 -34.39
CA ARG B 209 -0.27 -11.72 -33.91
C ARG B 209 0.62 -10.56 -33.43
N PRO B 210 0.34 -9.32 -33.91
CA PRO B 210 1.13 -8.13 -33.58
C PRO B 210 1.22 -7.90 -32.08
N LYS B 211 2.39 -7.46 -31.61
CA LYS B 211 2.62 -7.18 -30.18
C LYS B 211 2.15 -8.33 -29.25
N SER B 212 2.20 -9.55 -29.78
CA SER B 212 1.85 -10.80 -29.09
C SER B 212 0.44 -10.78 -28.46
N GLY B 213 -0.45 -10.00 -29.06
CA GLY B 213 -1.83 -9.92 -28.60
C GLY B 213 -2.06 -8.97 -27.44
N TYR B 214 -1.06 -8.16 -27.11
CA TYR B 214 -1.23 -7.11 -26.10
C TYR B 214 -1.55 -5.77 -26.75
N ASN B 215 -2.70 -5.74 -27.44
CA ASN B 215 -3.12 -4.57 -28.21
C ASN B 215 -4.45 -3.98 -27.69
N VAL B 216 -4.91 -4.56 -26.59
CA VAL B 216 -6.21 -4.25 -25.99
C VAL B 216 -6.27 -2.84 -25.40
N LEU B 217 -5.34 -2.51 -24.51
CA LEU B 217 -5.39 -1.25 -23.74
C LEU B 217 -5.25 0.00 -24.60
N ASP B 218 -4.43 -0.08 -25.66
CA ASP B 218 -4.33 1.01 -26.64
C ASP B 218 -5.65 1.16 -27.38
N LYS B 219 -6.21 0.02 -27.80
CA LYS B 219 -7.50 -0.03 -28.51
C LYS B 219 -8.58 0.70 -27.70
N TYR B 220 -8.61 0.47 -26.39
CA TYR B 220 -9.51 1.19 -25.49
C TYR B 220 -9.15 2.67 -25.34
N TYR B 221 -7.86 2.96 -25.21
CA TYR B 221 -7.39 4.33 -25.10
C TYR B 221 -7.87 5.16 -26.30
N ARG B 222 -7.58 4.66 -27.50
CA ARG B 222 -7.99 5.31 -28.75
C ARG B 222 -9.50 5.47 -28.86
N ARG B 223 -10.25 4.47 -28.38
CA ARG B 223 -11.71 4.47 -28.44
C ARG B 223 -12.36 5.58 -27.62
N ILE B 224 -11.91 5.77 -26.38
CA ILE B 224 -12.51 6.75 -25.48
C ILE B 224 -12.18 8.21 -25.86
N VAL B 225 -11.06 8.40 -26.55
CA VAL B 225 -10.71 9.70 -27.09
C VAL B 225 -11.56 9.94 -28.34
N GLN B 226 -11.98 8.87 -28.99
CA GLN B 226 -12.82 8.93 -30.19
C GLN B 226 -14.29 9.17 -29.83
N LEU B 227 -14.79 8.47 -28.81
CA LEU B 227 -16.17 8.67 -28.36
C LEU B 227 -16.29 9.89 -27.45
N VAL B 228 -15.89 9.75 -26.19
CA VAL B 228 -16.08 10.78 -25.18
C VAL B 228 -14.93 11.82 -25.08
N GLY B 229 -14.07 11.84 -26.09
CA GLY B 229 -12.92 12.77 -26.13
C GLY B 229 -13.33 14.24 -26.13
N SER B 230 -14.38 14.56 -26.88
CA SER B 230 -14.96 15.89 -26.88
C SER B 230 -15.66 16.19 -25.56
N PHE B 231 -16.30 17.35 -25.46
CA PHE B 231 -16.96 17.78 -24.23
C PHE B 231 -18.42 17.28 -24.14
N ASN B 232 -18.90 16.65 -25.21
CA ASN B 232 -20.29 16.19 -25.30
C ASN B 232 -20.42 14.69 -24.96
N ALA B 233 -20.61 14.41 -23.67
CA ALA B 233 -20.82 13.05 -23.15
C ALA B 233 -21.90 13.01 -22.07
N SER B 234 -21.72 13.81 -21.01
CA SER B 234 -22.61 13.86 -19.83
C SER B 234 -21.97 14.44 -18.56
N PRO B 235 -20.72 14.05 -18.22
CA PRO B 235 -20.16 14.62 -17.01
C PRO B 235 -19.34 15.86 -17.36
N ASP B 236 -20.04 16.85 -17.94
CA ASP B 236 -19.45 18.11 -18.31
C ASP B 236 -18.79 18.72 -17.09
N LYS B 237 -19.54 18.73 -15.99
CA LYS B 237 -19.14 19.31 -14.69
C LYS B 237 -17.70 19.00 -14.29
N SER B 238 -17.24 17.79 -14.58
CA SER B 238 -15.95 17.33 -14.11
C SER B 238 -14.77 18.19 -14.62
N ARG B 239 -14.48 18.13 -15.91
CA ARG B 239 -13.32 18.85 -16.45
C ARG B 239 -13.58 19.39 -17.86
N LYS B 240 -13.58 20.72 -17.98
CA LYS B 240 -13.90 21.40 -19.24
C LYS B 240 -12.75 21.33 -20.25
N VAL B 241 -12.67 20.24 -21.00
CA VAL B 241 -11.60 20.03 -22.00
C VAL B 241 -12.03 19.15 -23.19
N ASP B 242 -11.54 19.52 -24.38
CA ASP B 242 -11.65 18.69 -25.57
C ASP B 242 -10.34 17.94 -25.72
N TYR B 243 -10.40 16.64 -26.00
CA TYR B 243 -9.21 15.81 -26.14
C TYR B 243 -8.99 15.31 -27.56
N VAL B 244 -7.78 15.53 -28.07
CA VAL B 244 -7.43 15.13 -29.43
C VAL B 244 -6.40 13.99 -29.37
N LEU B 245 -6.33 13.22 -30.45
CA LEU B 245 -5.34 12.16 -30.59
C LEU B 245 -4.91 12.19 -32.05
N PRO B 246 -3.64 12.58 -32.31
CA PRO B 246 -3.08 12.69 -33.68
C PRO B 246 -3.55 11.54 -34.59
N PRO B 247 -3.95 11.88 -35.84
CA PRO B 247 -4.66 10.92 -36.71
C PRO B 247 -3.70 9.88 -37.32
N ASN B 248 -3.21 8.97 -36.48
CA ASN B 248 -2.11 8.07 -36.87
C ASN B 248 -2.20 6.71 -36.19
N PHE C 7 9.21 -4.94 36.11
CA PHE C 7 7.76 -5.23 36.33
C PHE C 7 7.52 -6.74 36.45
N LYS C 8 6.54 -7.10 37.29
CA LYS C 8 6.15 -8.49 37.45
C LYS C 8 4.74 -8.72 36.91
N GLN C 9 4.56 -9.82 36.19
CA GLN C 9 3.32 -10.09 35.48
C GLN C 9 2.25 -10.74 36.38
N LEU C 10 1.04 -10.20 36.31
CA LEU C 10 -0.11 -10.78 37.00
C LEU C 10 -1.16 -11.27 36.02
N GLU C 11 -2.44 -11.16 36.37
CA GLU C 11 -3.50 -11.65 35.50
C GLU C 11 -3.60 -10.87 34.20
N LYS C 12 -4.47 -11.32 33.30
CA LYS C 12 -4.81 -10.57 32.10
C LYS C 12 -5.90 -9.55 32.39
N LEU C 13 -5.48 -8.34 32.78
CA LEU C 13 -6.39 -7.21 32.92
C LEU C 13 -6.59 -6.51 31.59
N ALA C 19 -3.34 -6.09 20.82
CA ALA C 19 -2.29 -6.40 21.78
C ALA C 19 -2.81 -6.94 23.14
N THR C 20 -2.25 -8.07 23.56
CA THR C 20 -2.64 -8.70 24.84
C THR C 20 -2.15 -7.92 26.08
N VAL C 21 -3.08 -7.19 26.71
CA VAL C 21 -2.79 -6.34 27.89
C VAL C 21 -2.83 -7.09 29.25
N TYR C 22 -1.71 -7.07 29.98
CA TYR C 22 -1.58 -7.75 31.28
C TYR C 22 -1.68 -6.79 32.49
N LYS C 23 -0.99 -7.11 33.58
CA LYS C 23 -1.10 -6.36 34.85
C LYS C 23 0.14 -6.52 35.74
N GLY C 24 0.46 -5.47 36.50
CA GLY C 24 1.58 -5.51 37.44
C GLY C 24 2.21 -4.14 37.70
N VAL C 33 0.82 -1.04 37.61
CA VAL C 33 0.77 -0.60 36.20
C VAL C 33 0.18 -1.67 35.28
N ALA C 34 -0.50 -1.22 34.23
CA ALA C 34 -1.04 -2.11 33.21
C ALA C 34 -0.12 -2.19 31.99
N LEU C 35 0.35 -3.40 31.68
CA LEU C 35 1.27 -3.63 30.57
C LEU C 35 0.54 -4.08 29.31
N LYS C 36 0.83 -3.41 28.19
CA LYS C 36 0.15 -3.63 26.91
C LYS C 36 1.11 -4.20 25.86
N GLU C 37 1.05 -5.52 25.67
CA GLU C 37 2.06 -6.28 24.89
C GLU C 37 1.83 -6.30 23.37
N VAL C 38 2.39 -5.31 22.68
CA VAL C 38 2.31 -5.18 21.21
C VAL C 38 3.34 -6.11 20.55
N LYS C 39 3.12 -6.43 19.26
CA LYS C 39 4.10 -7.16 18.45
C LYS C 39 4.92 -6.23 17.56
N GLY C 45 7.11 -4.18 10.37
CA GLY C 45 7.75 -3.90 11.65
C GLY C 45 6.81 -3.33 12.70
N THR C 46 6.95 -2.03 12.97
CA THR C 46 6.18 -1.43 14.05
C THR C 46 4.74 -1.19 13.61
N PRO C 47 3.76 -1.68 14.38
CA PRO C 47 2.37 -1.37 14.12
C PRO C 47 2.17 0.13 14.15
N SER C 48 1.38 0.62 13.21
CA SER C 48 1.10 2.03 13.07
C SER C 48 0.38 2.59 14.29
N THR C 49 -0.55 1.82 14.84
CA THR C 49 -1.26 2.23 16.07
C THR C 49 -0.30 2.38 17.25
N ALA C 50 0.69 1.50 17.38
CA ALA C 50 1.73 1.65 18.39
C ALA C 50 2.48 2.97 18.22
N ILE C 51 3.01 3.23 17.02
CA ILE C 51 3.70 4.49 16.73
C ILE C 51 2.83 5.70 17.08
N ARG C 52 1.52 5.53 16.95
CA ARG C 52 0.58 6.62 17.10
C ARG C 52 0.17 6.75 18.56
N GLU C 53 -0.13 5.61 19.19
CA GLU C 53 -0.55 5.57 20.58
C GLU C 53 0.56 6.11 21.47
N ILE C 54 1.81 5.72 21.20
CA ILE C 54 2.95 6.22 21.95
C ILE C 54 3.06 7.72 21.76
N SER C 55 3.16 8.11 20.49
CA SER C 55 3.41 9.49 20.09
C SER C 55 2.37 10.49 20.62
N LEU C 56 1.10 10.09 20.62
CA LEU C 56 0.04 11.00 21.03
C LEU C 56 -0.03 11.20 22.54
N MET C 57 0.15 10.11 23.29
CA MET C 57 0.12 10.15 24.76
C MET C 57 1.09 11.19 25.35
N LYS C 58 2.27 11.31 24.72
CA LYS C 58 3.32 12.22 25.16
C LYS C 58 2.88 13.68 25.13
N GLU C 59 2.05 14.03 24.15
CA GLU C 59 1.46 15.36 24.07
C GLU C 59 0.34 15.58 25.10
N LEU C 60 -0.27 14.50 25.58
CA LEU C 60 -1.46 14.58 26.43
C LEU C 60 -1.22 14.21 27.89
N LYS C 61 -0.83 15.21 28.69
CA LYS C 61 -0.64 15.00 30.14
C LYS C 61 -1.66 15.80 30.94
N HIS C 62 -2.77 15.14 31.28
CA HIS C 62 -3.90 15.77 31.96
C HIS C 62 -4.64 14.74 32.80
N GLU C 63 -5.06 15.15 33.99
CA GLU C 63 -5.61 14.21 35.01
C GLU C 63 -6.83 13.37 34.61
N ASN C 64 -7.42 13.65 33.44
CA ASN C 64 -8.46 12.79 32.89
C ASN C 64 -8.01 12.08 31.61
N ILE C 65 -6.69 11.98 31.43
CA ILE C 65 -6.12 11.14 30.38
C ILE C 65 -5.10 10.19 30.99
N VAL C 66 -5.35 8.90 30.84
CA VAL C 66 -4.45 7.85 31.31
C VAL C 66 -3.02 8.18 30.93
N ARG C 67 -2.11 8.05 31.89
CA ARG C 67 -0.69 8.32 31.69
C ARG C 67 0.12 7.10 31.23
N LEU C 68 0.82 7.27 30.12
CA LEU C 68 1.83 6.31 29.68
C LEU C 68 3.14 6.67 30.36
N TYR C 69 3.64 5.79 31.20
CA TYR C 69 4.88 6.03 31.95
C TYR C 69 6.14 5.81 31.10
N ASP C 70 6.23 4.64 30.45
CA ASP C 70 7.42 4.28 29.67
C ASP C 70 7.09 3.26 28.57
N VAL C 71 7.97 3.13 27.58
CA VAL C 71 7.87 2.07 26.58
C VAL C 71 9.12 1.17 26.59
N ILE C 72 8.97 -0.08 26.15
CA ILE C 72 10.04 -1.08 26.19
C ILE C 72 10.30 -1.75 24.83
N HIS C 73 11.56 -2.00 24.52
CA HIS C 73 11.95 -2.74 23.30
C HIS C 73 12.71 -4.05 23.58
N ASN C 76 11.44 -8.67 19.89
CA ASN C 76 10.10 -8.89 19.35
C ASN C 76 9.02 -8.29 20.26
N LYS C 77 9.42 -7.90 21.47
CA LYS C 77 8.55 -7.17 22.37
C LYS C 77 8.53 -5.66 22.10
N LEU C 78 7.35 -5.06 22.26
CA LEU C 78 7.19 -3.62 22.35
C LEU C 78 6.08 -3.30 23.35
N THR C 79 6.36 -3.51 24.62
CA THR C 79 5.34 -3.34 25.66
C THR C 79 5.20 -1.88 26.11
N LEU C 80 3.96 -1.41 26.17
CA LEU C 80 3.65 -0.06 26.65
C LEU C 80 3.18 -0.11 28.11
N VAL C 81 3.51 0.92 28.87
CA VAL C 81 3.25 0.94 30.32
C VAL C 81 2.31 2.09 30.73
N PHE C 82 1.04 1.73 30.96
CA PHE C 82 0.00 2.68 31.39
C PHE C 82 -0.24 2.55 32.90
N GLU C 83 -0.81 3.59 33.50
CA GLU C 83 -1.25 3.52 34.90
C GLU C 83 -2.43 2.56 35.01
N PHE C 84 -2.46 1.76 36.07
CA PHE C 84 -3.50 0.74 36.23
C PHE C 84 -4.85 1.33 36.63
N MET C 85 -5.90 0.95 35.90
CA MET C 85 -7.25 1.39 36.19
C MET C 85 -8.14 0.17 36.42
N ASP C 86 -8.79 0.14 37.59
CA ASP C 86 -9.62 -1.00 38.05
C ASP C 86 -10.60 -1.55 37.02
N ASN C 87 -11.37 -0.66 36.40
CA ASN C 87 -12.29 -1.03 35.32
C ASN C 87 -12.63 0.15 34.41
N ASP C 88 -13.80 0.10 33.77
CA ASP C 88 -14.28 1.15 32.88
C ASP C 88 -15.80 1.21 32.87
N LEU C 89 -16.35 2.36 32.49
CA LEU C 89 -17.78 2.65 32.63
C LEU C 89 -18.71 1.47 32.32
N LYS C 90 -18.43 0.76 31.23
CA LYS C 90 -19.24 -0.40 30.83
C LYS C 90 -19.22 -1.51 31.88
N LYS C 91 -18.03 -1.92 32.28
CA LYS C 91 -17.84 -2.93 33.32
C LYS C 91 -18.33 -2.43 34.69
N TYR C 92 -18.18 -1.12 34.89
CA TYR C 92 -18.61 -0.43 36.11
C TYR C 92 -20.13 -0.43 36.26
N MET C 93 -20.83 -0.31 35.14
CA MET C 93 -22.29 -0.23 35.12
C MET C 93 -23.01 -1.58 35.23
N ASP C 94 -22.28 -2.68 35.04
CA ASP C 94 -22.85 -4.00 35.22
C ASP C 94 -22.81 -4.35 36.71
N SER C 95 -23.92 -4.08 37.39
CA SER C 95 -24.04 -4.26 38.85
C SER C 95 -25.40 -4.83 39.27
N GLY C 104 -29.99 2.43 35.08
CA GLY C 104 -28.83 3.30 34.85
C GLY C 104 -28.21 3.80 36.15
N LEU C 105 -27.60 4.98 36.09
CA LEU C 105 -26.98 5.60 37.27
C LEU C 105 -27.81 6.78 37.83
N GLU C 106 -27.56 7.12 39.09
CA GLU C 106 -28.21 8.30 39.68
C GLU C 106 -27.56 9.58 39.15
N LEU C 107 -28.36 10.64 39.04
CA LEU C 107 -27.97 11.85 38.29
C LEU C 107 -26.74 12.61 38.80
N ASN C 108 -26.37 12.42 40.06
CA ASN C 108 -25.17 13.06 40.61
C ASN C 108 -23.86 12.44 40.11
N LEU C 109 -23.82 11.12 40.05
CA LEU C 109 -22.65 10.39 39.60
C LEU C 109 -22.48 10.51 38.08
N VAL C 110 -23.61 10.61 37.37
CA VAL C 110 -23.63 10.83 35.93
C VAL C 110 -22.92 12.15 35.58
N LYS C 111 -23.38 13.23 36.21
CA LYS C 111 -22.79 14.55 36.04
C LYS C 111 -21.28 14.51 36.28
N TYR C 112 -20.90 13.99 37.44
CA TYR C 112 -19.50 13.90 37.83
C TYR C 112 -18.62 13.20 36.79
N PHE C 113 -19.10 12.09 36.23
CA PHE C 113 -18.37 11.36 35.20
C PHE C 113 -18.36 12.13 33.87
N GLN C 114 -19.51 12.72 33.53
CA GLN C 114 -19.66 13.52 32.31
C GLN C 114 -18.76 14.75 32.34
N TRP C 115 -18.61 15.33 33.54
CA TRP C 115 -17.64 16.39 33.78
C TRP C 115 -16.24 15.89 33.43
N GLN C 116 -15.85 14.76 34.03
CA GLN C 116 -14.53 14.16 33.82
C GLN C 116 -14.26 13.76 32.38
N LEU C 117 -15.29 13.24 31.70
CA LEU C 117 -15.20 12.87 30.29
C LEU C 117 -14.89 14.07 29.40
N LEU C 118 -15.56 15.18 29.68
CA LEU C 118 -15.42 16.39 28.89
C LEU C 118 -14.15 17.16 29.24
N GLN C 119 -13.82 17.23 30.52
CA GLN C 119 -12.61 17.92 30.96
C GLN C 119 -11.37 17.37 30.26
N GLY C 120 -11.21 16.05 30.27
CA GLY C 120 -10.13 15.38 29.56
C GLY C 120 -10.16 15.62 28.06
N LEU C 121 -11.34 15.45 27.47
CA LEU C 121 -11.55 15.67 26.05
C LEU C 121 -11.24 17.11 25.63
N ALA C 122 -11.71 18.07 26.43
CA ALA C 122 -11.41 19.49 26.21
C ALA C 122 -9.90 19.74 26.07
N PHE C 123 -9.11 19.01 26.87
CA PHE C 123 -7.66 19.07 26.78
C PHE C 123 -7.23 18.49 25.44
N CYS C 124 -7.78 17.32 25.10
CA CYS C 124 -7.50 16.67 23.82
C CYS C 124 -7.75 17.60 22.65
N HIS C 125 -8.88 18.28 22.65
CA HIS C 125 -9.27 19.17 21.56
C HIS C 125 -8.43 20.42 21.51
N GLU C 126 -8.06 20.94 22.69
CA GLU C 126 -7.25 22.15 22.77
C GLU C 126 -5.88 21.91 22.14
N ASN C 127 -5.39 20.68 22.30
CA ASN C 127 -4.14 20.24 21.70
C ASN C 127 -4.30 19.67 20.29
N LYS C 128 -5.45 19.93 19.68
CA LYS C 128 -5.78 19.54 18.29
C LYS C 128 -5.66 18.04 18.02
N ILE C 129 -6.06 17.26 19.02
CA ILE C 129 -6.13 15.82 18.91
C ILE C 129 -7.58 15.39 19.15
N LEU C 130 -8.10 14.57 18.23
CA LEU C 130 -9.45 14.02 18.38
C LEU C 130 -9.32 12.54 18.70
N HIS C 131 -10.28 12.00 19.44
CA HIS C 131 -10.19 10.62 19.91
C HIS C 131 -10.68 9.66 18.85
N ARG C 132 -11.92 9.88 18.38
CA ARG C 132 -12.57 9.08 17.31
C ARG C 132 -13.04 7.66 17.67
N ASP C 133 -12.91 7.26 18.94
CA ASP C 133 -13.53 6.00 19.37
C ASP C 133 -13.87 6.04 20.87
N LEU C 134 -14.69 7.01 21.23
CA LEU C 134 -15.13 7.18 22.62
C LEU C 134 -16.31 6.26 22.89
N LYS C 135 -16.17 5.45 23.93
CA LYS C 135 -17.23 4.56 24.40
C LYS C 135 -16.95 4.25 25.86
N PRO C 136 -17.97 3.79 26.61
CA PRO C 136 -17.81 3.65 28.06
C PRO C 136 -16.59 2.85 28.52
N GLN C 137 -16.09 1.94 27.68
CA GLN C 137 -14.93 1.12 28.01
C GLN C 137 -13.59 1.80 27.72
N ASN C 138 -13.65 3.00 27.14
CA ASN C 138 -12.49 3.87 27.02
C ASN C 138 -12.51 4.97 28.05
N LEU C 139 -13.49 4.89 28.95
CA LEU C 139 -13.57 5.79 30.09
C LEU C 139 -13.16 4.98 31.31
N LEU C 140 -11.86 4.89 31.52
CA LEU C 140 -11.28 4.03 32.55
C LEU C 140 -11.41 4.66 33.94
N ILE C 141 -11.96 3.88 34.87
CA ILE C 141 -12.29 4.36 36.20
C ILE C 141 -11.61 3.50 37.27
N ASN C 142 -11.04 4.15 38.28
CA ASN C 142 -10.44 3.47 39.43
C ASN C 142 -11.39 3.42 40.62
N LYS C 143 -10.96 2.77 41.70
CA LYS C 143 -11.77 2.62 42.92
C LYS C 143 -12.06 3.96 43.60
N ARG C 144 -11.15 4.92 43.44
CA ARG C 144 -11.30 6.26 44.03
C ARG C 144 -12.38 7.13 43.37
N GLY C 145 -12.72 6.83 42.12
CA GLY C 145 -13.79 7.56 41.43
C GLY C 145 -13.36 8.42 40.26
N GLN C 146 -12.05 8.51 40.04
CA GLN C 146 -11.47 9.30 38.96
C GLN C 146 -11.66 8.61 37.60
N LEU C 147 -12.14 9.37 36.62
CA LEU C 147 -12.41 8.88 35.27
C LEU C 147 -11.42 9.44 34.27
N LYS C 148 -10.78 8.56 33.50
CA LYS C 148 -9.75 8.98 32.55
C LYS C 148 -9.89 8.32 31.16
N LEU C 149 -9.82 9.14 30.11
CA LEU C 149 -9.82 8.66 28.73
C LEU C 149 -8.64 7.72 28.48
N GLY C 150 -8.84 6.72 27.62
CA GLY C 150 -7.81 5.73 27.32
C GLY C 150 -8.01 5.11 25.96
N ASP C 151 -7.03 4.30 25.53
CA ASP C 151 -7.00 3.69 24.19
C ASP C 151 -7.10 4.74 23.08
N PHE C 152 -5.97 5.37 22.79
CA PHE C 152 -5.89 6.44 21.80
C PHE C 152 -5.29 5.95 20.46
N GLY C 153 -5.42 4.65 20.21
CA GLY C 153 -4.86 4.02 19.01
C GLY C 153 -5.49 4.42 17.68
N LEU C 154 -6.71 4.94 17.74
CA LEU C 154 -7.44 5.36 16.53
C LEU C 154 -7.63 6.87 16.48
N ALA C 155 -6.90 7.57 17.36
CA ALA C 155 -6.93 9.03 17.45
C ALA C 155 -5.97 9.63 16.44
N ARG C 156 -6.03 10.95 16.26
CA ARG C 156 -5.08 11.62 15.39
C ARG C 156 -4.88 13.07 15.77
N ALA C 157 -3.68 13.57 15.52
CA ALA C 157 -3.39 15.00 15.62
C ALA C 157 -3.94 15.70 14.39
N PHE C 158 -5.17 16.19 14.50
CA PHE C 158 -5.81 16.95 13.42
C PHE C 158 -5.13 18.30 13.13
N GLY C 159 -4.25 18.72 14.03
CA GLY C 159 -3.39 19.88 13.83
C GLY C 159 -2.41 19.69 12.69
N ILE C 160 -2.09 18.45 12.37
CA ILE C 160 -1.33 18.11 11.17
C ILE C 160 -2.35 17.77 10.07
N PRO C 161 -2.46 18.65 9.05
CA PRO C 161 -3.58 18.63 8.10
C PRO C 161 -3.57 17.51 7.03
N VAL C 162 -3.55 16.25 7.45
CA VAL C 162 -3.56 15.12 6.50
C VAL C 162 -4.98 14.80 6.01
N ASN C 163 -5.06 14.00 4.94
CA ASN C 163 -6.36 13.56 4.41
C ASN C 163 -6.97 12.53 5.33
N THR C 164 -8.23 12.75 5.70
CA THR C 164 -8.86 11.85 6.67
C THR C 164 -9.63 10.70 6.00
N PHE C 165 -9.49 9.51 6.60
CA PHE C 165 -10.28 8.33 6.25
C PHE C 165 -10.71 7.66 7.55
N SER C 166 -12.01 7.42 7.70
CA SER C 166 -12.52 6.72 8.87
C SER C 166 -12.01 5.28 8.93
N SER C 167 -11.81 4.79 10.15
CA SER C 167 -11.30 3.45 10.37
C SER C 167 -12.42 2.52 10.76
N GLU C 168 -12.25 1.25 10.42
CA GLU C 168 -13.19 0.22 10.86
C GLU C 168 -13.11 0.04 12.38
N VAL C 169 -14.25 0.26 13.03
CA VAL C 169 -14.38 0.08 14.47
C VAL C 169 -15.34 -1.07 14.76
N VAL C 170 -15.20 -1.71 15.92
CA VAL C 170 -16.02 -2.88 16.26
C VAL C 170 -17.52 -2.59 16.41
N THR C 171 -17.87 -1.50 17.12
CA THR C 171 -19.26 -1.06 17.24
C THR C 171 -19.44 0.38 16.72
N LEU C 172 -20.65 0.69 16.27
CA LEU C 172 -20.93 2.01 15.71
C LEU C 172 -21.84 2.83 16.62
N TRP C 173 -22.26 2.23 17.73
CA TRP C 173 -23.28 2.82 18.60
C TRP C 173 -23.03 4.29 18.93
N TYR C 174 -21.76 4.68 18.96
CA TYR C 174 -21.38 6.04 19.35
C TYR C 174 -20.77 6.84 18.20
N ARG C 175 -21.03 6.41 16.96
CA ARG C 175 -20.54 7.11 15.76
C ARG C 175 -21.51 8.16 15.24
N ALA C 176 -20.97 9.37 15.02
CA ALA C 176 -21.76 10.51 14.60
C ALA C 176 -22.29 10.32 13.17
N PRO C 177 -23.56 10.71 12.93
CA PRO C 177 -24.24 10.43 11.66
C PRO C 177 -23.49 10.98 10.45
N ASP C 178 -22.88 12.15 10.60
CA ASP C 178 -22.13 12.75 9.51
C ASP C 178 -20.95 11.87 9.09
N VAL C 179 -20.33 11.21 10.06
CA VAL C 179 -19.25 10.27 9.78
C VAL C 179 -19.77 8.96 9.18
N LEU C 180 -20.91 8.48 9.69
CA LEU C 180 -21.61 7.32 9.14
C LEU C 180 -21.97 7.53 7.67
N MET C 181 -22.29 8.78 7.32
CA MET C 181 -22.58 9.17 5.94
C MET C 181 -21.30 9.48 5.15
N GLY C 182 -20.15 9.16 5.73
CA GLY C 182 -18.86 9.23 5.05
C GLY C 182 -18.23 10.62 4.92
N SER C 183 -18.39 11.45 5.94
CA SER C 183 -17.77 12.76 5.95
C SER C 183 -16.27 12.63 6.08
N ARG C 184 -15.56 13.40 5.28
CA ARG C 184 -14.11 13.39 5.35
C ARG C 184 -13.61 14.79 5.68
N THR C 185 -14.49 15.60 6.28
CA THR C 185 -14.12 16.93 6.72
C THR C 185 -14.64 17.25 8.13
N TYR C 186 -15.00 16.21 8.89
CA TYR C 186 -15.41 16.38 10.28
C TYR C 186 -14.24 16.85 11.14
N SER C 187 -14.56 17.35 12.34
CA SER C 187 -13.57 17.99 13.18
C SER C 187 -13.69 17.53 14.63
N THR C 188 -13.22 18.37 15.55
CA THR C 188 -13.59 18.32 16.96
C THR C 188 -14.87 17.52 17.16
N SER C 189 -15.91 17.90 16.40
CA SER C 189 -17.29 17.47 16.62
C SER C 189 -17.52 15.96 16.80
N ILE C 190 -16.76 15.15 16.05
CA ILE C 190 -16.92 13.68 16.08
C ILE C 190 -16.92 13.10 17.50
N ASP C 191 -16.12 13.68 18.38
CA ASP C 191 -16.05 13.24 19.77
C ASP C 191 -17.27 13.64 20.62
N ILE C 192 -17.73 14.88 20.44
CA ILE C 192 -18.85 15.45 21.23
C ILE C 192 -20.12 14.59 21.17
N TRP C 193 -20.50 14.19 19.96
CA TRP C 193 -21.65 13.30 19.75
C TRP C 193 -21.56 12.02 20.59
N SER C 194 -20.39 11.41 20.64
CA SER C 194 -20.16 10.20 21.45
C SER C 194 -20.39 10.51 22.93
N CYS C 195 -19.92 11.68 23.39
CA CYS C 195 -20.18 12.14 24.75
C CYS C 195 -21.67 12.22 25.01
N GLY C 196 -22.43 12.64 24.00
CA GLY C 196 -23.89 12.67 24.08
C GLY C 196 -24.46 11.29 24.32
N CYS C 197 -23.99 10.32 23.54
CA CYS C 197 -24.45 8.94 23.64
C CYS C 197 -24.08 8.31 25.00
N ILE C 198 -22.84 8.52 25.42
CA ILE C 198 -22.38 8.12 26.76
C ILE C 198 -23.38 8.61 27.81
N LEU C 199 -23.59 9.91 27.83
CA LEU C 199 -24.48 10.56 28.76
C LEU C 199 -25.82 9.82 28.83
N ALA C 200 -26.51 9.77 27.70
CA ALA C 200 -27.83 9.13 27.62
C ALA C 200 -27.82 7.68 28.13
N GLU C 201 -26.71 6.98 27.91
CA GLU C 201 -26.55 5.61 28.36
C GLU C 201 -26.36 5.53 29.87
N MET C 202 -25.58 6.47 30.42
CA MET C 202 -25.39 6.58 31.87
C MET C 202 -26.72 6.77 32.59
N ILE C 203 -27.63 7.50 31.94
CA ILE C 203 -28.95 7.77 32.49
C ILE C 203 -29.86 6.53 32.46
N THR C 204 -30.10 6.00 31.27
CA THR C 204 -31.07 4.92 31.08
C THR C 204 -30.60 3.57 31.62
N GLY C 205 -29.41 3.15 31.20
CA GLY C 205 -28.89 1.82 31.48
C GLY C 205 -28.47 1.15 30.19
N LYS C 206 -29.31 1.29 29.16
CA LYS C 206 -29.03 0.75 27.84
C LYS C 206 -28.49 1.82 26.87
N PRO C 207 -27.65 1.41 25.90
CA PRO C 207 -27.14 2.29 24.85
C PRO C 207 -28.26 2.92 24.05
N LEU C 208 -28.14 4.21 23.75
CA LEU C 208 -29.18 4.96 23.05
C LEU C 208 -29.43 4.47 21.62
N PHE C 209 -28.35 4.11 20.92
CA PHE C 209 -28.47 3.67 19.53
C PHE C 209 -27.81 2.30 19.29
N PRO C 210 -28.51 1.20 19.65
CA PRO C 210 -27.95 -0.13 19.47
C PRO C 210 -28.16 -0.67 18.06
N GLY C 211 -27.22 -0.36 17.16
CA GLY C 211 -27.30 -0.81 15.77
C GLY C 211 -26.23 -1.82 15.41
N THR C 212 -26.56 -2.72 14.48
CA THR C 212 -25.63 -3.75 14.00
C THR C 212 -24.69 -3.22 12.92
N ASN C 213 -25.26 -2.51 11.96
CA ASN C 213 -24.53 -2.02 10.79
C ASN C 213 -24.84 -0.56 10.47
N ASP C 214 -24.01 0.03 9.62
CA ASP C 214 -24.13 1.45 9.23
C ASP C 214 -25.48 1.84 8.66
N GLU C 215 -26.18 0.87 8.07
CA GLU C 215 -27.50 1.11 7.50
C GLU C 215 -28.55 1.33 8.61
N GLU C 216 -28.54 0.45 9.61
CA GLU C 216 -29.50 0.52 10.72
C GLU C 216 -29.09 1.55 11.78
N GLN C 217 -27.79 1.64 12.06
CA GLN C 217 -27.24 2.61 13.02
C GLN C 217 -27.62 4.05 12.65
N LEU C 218 -27.62 4.33 11.36
CA LEU C 218 -28.04 5.64 10.86
C LEU C 218 -29.55 5.84 11.06
N LYS C 219 -30.33 4.82 10.69
CA LYS C 219 -31.80 4.81 10.84
C LYS C 219 -32.24 5.10 12.30
N LEU C 220 -31.68 4.34 13.23
CA LEU C 220 -31.94 4.48 14.66
C LEU C 220 -31.76 5.91 15.16
N ILE C 221 -30.78 6.62 14.59
CA ILE C 221 -30.51 8.00 14.94
C ILE C 221 -31.61 8.92 14.38
N PHE C 222 -31.95 8.72 13.11
CA PHE C 222 -32.98 9.54 12.46
C PHE C 222 -34.39 9.29 13.00
N ASP C 223 -34.55 8.15 13.68
CA ASP C 223 -35.81 7.81 14.35
C ASP C 223 -36.00 8.57 15.66
N ILE C 224 -34.91 9.08 16.23
CA ILE C 224 -34.95 9.79 17.50
C ILE C 224 -34.64 11.29 17.33
N MET C 225 -33.85 11.62 16.31
CA MET C 225 -33.42 13.00 16.08
C MET C 225 -34.03 13.58 14.80
N GLY C 226 -34.90 12.79 14.16
CA GLY C 226 -35.47 13.17 12.87
C GLY C 226 -34.45 13.09 11.74
N THR C 227 -34.91 13.26 10.50
CA THR C 227 -34.01 13.30 9.36
C THR C 227 -33.30 14.66 9.30
N PRO C 228 -32.13 14.71 8.64
CA PRO C 228 -31.39 15.97 8.52
C PRO C 228 -32.20 17.09 7.85
N ASN C 229 -32.10 18.29 8.42
CA ASN C 229 -32.73 19.45 7.86
C ASN C 229 -31.82 20.05 6.80
N GLU C 230 -32.21 19.90 5.53
CA GLU C 230 -31.45 20.42 4.39
C GLU C 230 -31.18 21.90 4.53
N SER C 231 -32.15 22.61 5.10
CA SER C 231 -32.13 24.06 5.16
C SER C 231 -31.29 24.60 6.33
N LEU C 232 -31.17 23.79 7.38
CA LEU C 232 -30.38 24.15 8.55
C LEU C 232 -29.04 23.40 8.59
N TRP C 233 -28.83 22.56 7.58
CA TRP C 233 -27.57 21.83 7.40
C TRP C 233 -27.41 21.48 5.91
N PRO C 234 -26.99 22.46 5.09
CA PRO C 234 -26.83 22.25 3.64
C PRO C 234 -25.54 21.49 3.29
N SER C 235 -24.70 21.24 4.30
CA SER C 235 -23.49 20.45 4.11
C SER C 235 -23.85 18.98 3.95
N VAL C 236 -25.07 18.64 4.35
CA VAL C 236 -25.52 17.25 4.34
C VAL C 236 -25.65 16.68 2.92
N THR C 237 -25.80 17.59 1.96
CA THR C 237 -26.00 17.22 0.55
C THR C 237 -24.67 16.95 -0.16
N LYS C 238 -23.57 17.09 0.58
CA LYS C 238 -22.24 16.86 0.06
C LYS C 238 -21.64 15.55 0.56
N LEU C 239 -22.27 14.94 1.56
CA LEU C 239 -21.80 13.67 2.08
C LEU C 239 -22.13 12.51 1.13
N PRO C 240 -21.10 11.72 0.75
CA PRO C 240 -21.23 10.63 -0.22
C PRO C 240 -22.28 9.54 0.10
N LYS C 241 -22.43 9.17 1.37
CA LYS C 241 -23.43 8.16 1.72
C LYS C 241 -24.75 8.78 2.25
N TYR C 242 -25.07 9.96 1.73
CA TYR C 242 -26.33 10.62 2.04
C TYR C 242 -27.39 10.26 1.01
N ASN C 243 -28.61 10.08 1.49
CA ASN C 243 -29.73 9.77 0.61
C ASN C 243 -30.66 10.98 0.40
N PRO C 244 -30.64 11.56 -0.82
CA PRO C 244 -31.46 12.74 -1.12
C PRO C 244 -32.96 12.43 -1.17
N ASN C 245 -33.32 11.15 -1.19
CA ASN C 245 -34.73 10.76 -1.17
C ASN C 245 -35.13 9.83 -0.01
N ILE C 246 -34.60 10.10 1.17
CA ILE C 246 -34.99 9.39 2.39
C ILE C 246 -36.44 9.68 2.71
N GLN C 247 -37.11 8.71 3.33
CA GLN C 247 -38.39 8.95 3.99
C GLN C 247 -38.20 9.77 5.26
N GLN C 248 -38.79 10.96 5.27
CA GLN C 248 -38.51 11.96 6.29
C GLN C 248 -39.31 11.72 7.56
N ARG C 249 -38.65 11.82 8.70
CA ARG C 249 -39.24 11.45 9.98
C ARG C 249 -39.21 12.62 10.98
N PRO C 250 -40.30 12.82 11.74
CA PRO C 250 -40.32 13.92 12.73
C PRO C 250 -39.48 13.59 13.97
N PRO C 251 -38.59 14.53 14.39
CA PRO C 251 -37.87 14.35 15.66
C PRO C 251 -38.83 13.95 16.79
N ARG C 252 -38.75 12.69 17.20
CA ARG C 252 -39.55 12.20 18.32
C ARG C 252 -39.13 12.86 19.62
N ASP C 253 -40.09 13.07 20.52
CA ASP C 253 -39.84 13.75 21.79
C ASP C 253 -38.73 13.04 22.58
N LEU C 254 -37.53 13.61 22.49
CA LEU C 254 -36.32 13.06 23.11
C LEU C 254 -36.49 12.78 24.60
N ARG C 255 -37.31 13.58 25.28
CA ARG C 255 -37.56 13.42 26.70
C ARG C 255 -38.37 12.17 27.05
N GLN C 256 -39.32 11.81 26.18
CA GLN C 256 -40.18 10.66 26.42
C GLN C 256 -39.45 9.32 26.27
N VAL C 257 -38.37 9.32 25.49
CA VAL C 257 -37.56 8.13 25.25
C VAL C 257 -36.79 7.70 26.52
N LEU C 258 -36.09 8.65 27.13
CA LEU C 258 -35.17 8.36 28.24
C LEU C 258 -35.82 8.30 29.63
N GLN C 259 -36.89 9.09 29.82
CA GLN C 259 -37.49 9.26 31.16
C GLN C 259 -37.87 7.96 31.90
N PRO C 260 -38.52 6.99 31.20
CA PRO C 260 -38.95 5.79 31.93
C PRO C 260 -37.84 5.01 32.65
N HIS C 261 -36.67 4.87 32.02
CA HIS C 261 -35.61 3.99 32.52
C HIS C 261 -34.71 4.62 33.60
N THR C 262 -35.20 5.67 34.25
CA THR C 262 -34.47 6.34 35.32
C THR C 262 -35.45 6.95 36.35
N LYS C 263 -35.34 6.52 37.60
CA LYS C 263 -36.27 6.90 38.65
C LYS C 263 -35.92 8.25 39.28
N GLU C 264 -35.52 9.19 38.42
CA GLU C 264 -35.25 10.58 38.80
C GLU C 264 -35.69 11.53 37.68
N PRO C 265 -36.37 12.64 38.05
CA PRO C 265 -36.78 13.64 37.06
C PRO C 265 -35.60 14.20 36.27
N LEU C 266 -35.76 14.32 34.95
CA LEU C 266 -34.73 14.86 34.08
C LEU C 266 -35.13 16.27 33.63
N ASP C 267 -34.67 17.27 34.38
CA ASP C 267 -35.09 18.66 34.17
C ASP C 267 -34.50 19.25 32.90
N GLY C 268 -35.24 20.17 32.28
CA GLY C 268 -34.86 20.79 31.00
C GLY C 268 -33.54 21.54 30.99
N ASN C 269 -32.92 21.64 32.17
CA ASN C 269 -31.59 22.23 32.32
C ASN C 269 -30.53 21.29 31.75
N LEU C 270 -30.76 19.99 31.93
CA LEU C 270 -29.93 18.92 31.35
C LEU C 270 -30.41 18.52 29.96
N MET C 271 -31.72 18.62 29.72
CA MET C 271 -32.30 18.32 28.41
C MET C 271 -31.89 19.34 27.34
N ASP C 272 -31.52 20.55 27.78
CA ASP C 272 -30.87 21.55 26.92
C ASP C 272 -29.44 21.08 26.63
N PHE C 273 -28.68 20.83 27.69
CA PHE C 273 -27.33 20.29 27.59
C PHE C 273 -27.30 19.06 26.68
N LEU C 274 -28.10 18.06 27.02
CA LEU C 274 -28.16 16.80 26.28
C LEU C 274 -28.52 16.99 24.81
N HIS C 275 -29.22 18.09 24.50
CA HIS C 275 -29.50 18.43 23.11
C HIS C 275 -28.25 18.90 22.36
N GLY C 276 -27.57 19.91 22.91
CA GLY C 276 -26.36 20.48 22.31
C GLY C 276 -25.35 19.45 21.78
N LEU C 277 -25.10 18.43 22.60
CA LEU C 277 -24.19 17.33 22.25
C LEU C 277 -24.75 16.46 21.12
N LEU C 278 -26.06 16.21 21.14
CA LEU C 278 -26.68 15.26 20.21
C LEU C 278 -27.25 15.85 18.92
N GLN C 279 -26.77 17.02 18.53
CA GLN C 279 -27.14 17.65 17.26
C GLN C 279 -26.71 16.82 16.05
N LEU C 280 -27.55 16.78 15.03
CA LEU C 280 -27.21 16.11 13.78
C LEU C 280 -26.14 16.88 13.02
N ASN C 281 -26.34 18.18 12.87
CA ASN C 281 -25.38 19.05 12.22
C ASN C 281 -24.14 19.30 13.10
N PRO C 282 -22.94 18.96 12.59
CA PRO C 282 -21.71 19.21 13.33
C PRO C 282 -21.56 20.65 13.81
N ASP C 283 -21.88 21.60 12.94
CA ASP C 283 -21.80 23.02 13.26
C ASP C 283 -22.69 23.37 14.44
N MET C 284 -23.77 22.64 14.61
CA MET C 284 -24.75 22.91 15.65
C MET C 284 -24.35 22.32 17.02
N ARG C 285 -23.34 21.46 17.02
CA ARG C 285 -22.88 20.81 18.26
C ARG C 285 -22.09 21.75 19.15
N LEU C 286 -22.16 21.45 20.45
CA LEU C 286 -21.43 22.15 21.50
C LEU C 286 -19.95 21.75 21.46
N SER C 287 -19.05 22.70 21.67
CA SER C 287 -17.64 22.39 21.85
C SER C 287 -17.42 21.93 23.29
N ALA C 288 -16.35 21.19 23.53
CA ALA C 288 -16.07 20.67 24.87
C ALA C 288 -15.93 21.81 25.86
N LYS C 289 -15.28 22.88 25.42
CA LYS C 289 -15.09 24.10 26.20
C LYS C 289 -16.43 24.79 26.54
N GLN C 290 -17.34 24.79 25.57
CA GLN C 290 -18.68 25.32 25.76
C GLN C 290 -19.49 24.44 26.69
N ALA C 291 -19.37 23.13 26.54
CA ALA C 291 -20.06 22.17 27.41
C ALA C 291 -19.73 22.42 28.88
N LEU C 292 -18.44 22.64 29.16
CA LEU C 292 -17.95 22.89 30.53
C LEU C 292 -18.43 24.22 31.12
N HIS C 293 -18.89 25.13 30.25
CA HIS C 293 -19.58 26.36 30.65
C HIS C 293 -21.04 26.29 30.22
N HIS C 294 -21.82 25.56 31.02
CA HIS C 294 -23.25 25.35 30.78
C HIS C 294 -23.94 25.31 32.13
N PRO C 295 -25.16 25.86 32.22
CA PRO C 295 -25.90 25.90 33.49
C PRO C 295 -26.06 24.54 34.20
N TRP C 296 -25.96 23.44 33.47
CA TRP C 296 -26.00 22.11 34.08
C TRP C 296 -24.73 21.80 34.87
N PHE C 297 -23.64 22.46 34.49
CA PHE C 297 -22.38 22.39 35.25
C PHE C 297 -22.17 23.58 36.18
N ALA C 298 -23.15 24.49 36.24
CA ALA C 298 -23.02 25.73 37.03
C ALA C 298 -22.84 25.54 38.54
N GLU C 299 -22.96 24.30 39.02
CA GLU C 299 -22.65 23.98 40.42
C GLU C 299 -21.18 23.58 40.61
N TYR C 300 -20.37 23.85 39.55
CA TYR C 300 -18.93 23.65 39.59
C TYR C 300 -18.22 24.97 39.31
N GLN D 16 18.27 33.55 -18.59
CA GLN D 16 17.10 34.39 -18.79
C GLN D 16 16.25 33.90 -19.95
N GLY D 17 14.85 32.16 -20.99
CA GLY D 17 14.21 32.50 -19.68
C GLY D 17 13.94 31.25 -18.88
N ILE D 18 13.63 31.41 -17.59
CA ILE D 18 13.35 30.27 -16.72
C ILE D 18 11.99 30.40 -16.01
N PRO D 19 11.08 29.43 -16.26
CA PRO D 19 9.73 29.40 -15.71
C PRO D 19 9.67 29.85 -14.26
N LYS D 20 8.77 30.78 -13.97
CA LYS D 20 8.62 31.30 -12.61
C LYS D 20 7.22 30.95 -12.13
N VAL D 21 7.12 29.91 -11.32
CA VAL D 21 5.82 29.50 -10.79
C VAL D 21 5.61 30.08 -9.39
N ILE D 22 4.45 30.71 -9.19
CA ILE D 22 4.17 31.40 -7.95
C ILE D 22 3.33 30.54 -7.00
N LEU D 23 3.99 30.02 -5.97
CA LEU D 23 3.42 29.04 -5.04
C LEU D 23 2.30 29.59 -4.16
N PRO D 24 1.36 28.71 -3.73
CA PRO D 24 0.35 29.12 -2.76
C PRO D 24 0.93 29.30 -1.37
N ALA D 25 0.30 30.17 -0.58
CA ALA D 25 0.71 30.41 0.79
C ALA D 25 0.58 29.15 1.62
N ASP D 26 -0.41 28.31 1.29
CA ASP D 26 -0.63 27.05 1.97
C ASP D 26 -0.09 25.88 1.12
N PHE D 27 0.85 25.13 1.69
CA PHE D 27 1.56 24.07 0.96
C PHE D 27 0.69 22.88 0.60
N ASN D 28 -0.43 22.74 1.29
CA ASN D 28 -1.37 21.66 0.97
C ASN D 28 -2.02 21.86 -0.41
N LYS D 29 -2.20 23.13 -0.77
CA LYS D 29 -2.73 23.53 -2.08
C LYS D 29 -1.65 23.47 -3.18
N CYS D 30 -0.42 23.26 -2.76
CA CYS D 30 0.73 23.22 -3.64
C CYS D 30 0.89 21.85 -4.33
N SER D 31 1.40 21.86 -5.56
CA SER D 31 1.66 20.63 -6.33
C SER D 31 2.76 19.80 -5.66
N ARG D 32 2.50 18.52 -5.45
CA ARG D 32 3.42 17.69 -4.67
C ARG D 32 4.72 17.36 -5.40
N THR D 33 4.79 17.64 -6.71
CA THR D 33 6.05 17.64 -7.43
C THR D 33 6.88 18.85 -7.02
N ASP D 34 6.26 20.03 -7.04
CA ASP D 34 6.91 21.25 -6.58
C ASP D 34 7.47 21.09 -5.16
N LEU D 35 6.72 20.41 -4.28
CA LEU D 35 7.22 20.09 -2.95
C LEU D 35 8.44 19.19 -3.01
N VAL D 36 8.37 18.16 -3.83
CA VAL D 36 9.49 17.23 -4.02
C VAL D 36 10.61 17.82 -4.90
N VAL D 37 10.45 19.05 -5.40
CA VAL D 37 11.56 19.72 -6.07
C VAL D 37 12.35 20.51 -5.03
N LEU D 38 11.65 21.41 -4.33
CA LEU D 38 12.25 22.19 -3.25
C LEU D 38 12.95 21.32 -2.17
N ILE D 39 12.20 20.43 -1.53
CA ILE D 39 12.78 19.59 -0.48
C ILE D 39 14.05 18.91 -0.98
N SER D 40 14.04 18.50 -2.25
CA SER D 40 15.20 17.86 -2.86
C SER D 40 16.39 18.82 -3.00
N ARG D 41 16.12 20.06 -3.39
CA ARG D 41 17.15 21.09 -3.46
C ARG D 41 17.75 21.37 -2.08
N MET D 42 16.89 21.51 -1.08
CA MET D 42 17.29 21.76 0.29
C MET D 42 18.17 20.64 0.84
N LEU D 43 17.85 19.41 0.45
CA LEU D 43 18.62 18.23 0.86
C LEU D 43 20.04 18.21 0.32
N VAL D 44 20.21 18.41 -0.99
CA VAL D 44 21.54 18.36 -1.62
C VAL D 44 22.39 19.56 -1.21
N SER D 45 21.72 20.57 -0.67
CA SER D 45 22.35 21.76 -0.12
C SER D 45 23.04 21.46 1.23
N LEU D 46 22.29 20.90 2.17
CA LEU D 46 22.83 20.44 3.45
C LEU D 46 23.88 19.34 3.22
N ILE D 47 23.63 18.45 2.27
CA ILE D 47 24.63 17.44 1.94
C ILE D 47 25.93 18.17 1.58
N ALA D 48 25.91 18.93 0.48
CA ALA D 48 27.09 19.65 0.00
C ALA D 48 27.79 20.40 1.14
N ILE D 49 27.04 21.22 1.87
CA ILE D 49 27.58 21.94 3.03
C ILE D 49 28.15 20.98 4.10
N ASN D 50 27.34 20.05 4.58
CA ASN D 50 27.79 19.10 5.61
C ASN D 50 29.06 18.31 5.28
N GLU D 51 29.29 18.08 3.99
CA GLU D 51 30.45 17.34 3.50
C GLU D 51 31.63 18.27 3.29
N ASN D 52 31.34 19.48 2.81
CA ASN D 52 32.34 20.51 2.54
C ASN D 52 32.77 21.18 3.84
N SER D 53 33.25 20.37 4.77
CA SER D 53 33.36 20.77 6.17
C SER D 53 34.29 19.82 6.95
N GLN D 61 37.90 8.06 11.30
CA GLN D 61 37.20 7.29 12.31
C GLN D 61 35.73 7.74 12.44
N ILE D 62 35.06 7.88 11.31
CA ILE D 62 33.65 8.26 11.28
C ILE D 62 32.77 7.07 11.69
N THR D 63 32.12 7.21 12.84
CA THR D 63 31.26 6.17 13.39
C THR D 63 29.96 6.01 12.60
N LEU D 64 29.76 4.83 12.03
CA LEU D 64 28.67 4.60 11.07
C LEU D 64 27.32 4.37 11.73
N THR D 65 26.28 4.95 11.14
CA THR D 65 24.90 4.78 11.55
C THR D 65 24.18 3.80 10.62
N ARG D 66 22.90 3.52 10.89
CA ARG D 66 22.07 2.64 10.07
C ARG D 66 21.68 3.27 8.74
N TYR D 67 21.77 4.60 8.67
CA TYR D 67 21.40 5.32 7.47
C TYR D 67 22.53 5.34 6.44
N HIS D 68 23.66 4.73 6.82
CA HIS D 68 24.89 4.77 6.01
C HIS D 68 24.93 3.73 4.89
N SER D 69 25.21 4.19 3.68
CA SER D 69 25.45 3.32 2.54
C SER D 69 26.94 3.02 2.48
N LYS D 70 27.32 1.93 1.83
CA LYS D 70 28.74 1.69 1.58
C LYS D 70 29.31 2.75 0.62
N ILE D 71 28.61 2.98 -0.49
CA ILE D 71 29.00 3.99 -1.48
C ILE D 71 27.79 4.88 -1.72
N PRO D 72 28.03 6.14 -2.15
CA PRO D 72 26.89 7.03 -2.48
C PRO D 72 26.05 6.47 -3.64
N PRO D 73 24.72 6.32 -3.43
CA PRO D 73 23.84 5.80 -4.47
C PRO D 73 24.02 6.58 -5.76
N ASN D 74 23.97 5.88 -6.88
CA ASN D 74 24.01 6.51 -8.19
C ASN D 74 22.67 7.23 -8.49
N ILE D 75 21.56 6.65 -8.04
CA ILE D 75 20.26 7.28 -8.23
C ILE D 75 20.18 8.64 -7.54
N SER D 76 19.89 9.65 -8.36
CA SER D 76 19.71 11.02 -7.91
C SER D 76 18.72 11.12 -6.75
N ILE D 77 18.98 12.07 -5.86
CA ILE D 77 18.14 12.33 -4.69
C ILE D 77 16.70 12.73 -5.05
N PHE D 78 16.53 13.56 -6.10
CA PHE D 78 15.21 13.96 -6.59
C PHE D 78 14.43 12.79 -7.20
N ASN D 79 15.13 11.92 -7.91
CA ASN D 79 14.47 10.78 -8.55
C ASN D 79 14.05 9.73 -7.57
N TYR D 80 14.91 9.46 -6.60
CA TYR D 80 14.58 8.48 -5.58
C TYR D 80 13.38 8.97 -4.76
N PHE D 81 13.19 10.29 -4.69
CA PHE D 81 12.12 10.86 -3.91
C PHE D 81 10.79 10.89 -4.67
N ILE D 82 10.80 11.31 -5.95
CA ILE D 82 9.54 11.28 -6.74
C ILE D 82 8.95 9.87 -6.76
N ARG D 83 9.85 8.89 -6.86
CA ARG D 83 9.50 7.49 -6.84
C ARG D 83 8.73 7.12 -5.57
N LEU D 84 9.32 7.39 -4.40
CA LEU D 84 8.66 7.13 -3.12
C LEU D 84 7.32 7.82 -3.08
N THR D 85 7.24 9.00 -3.69
CA THR D 85 6.05 9.84 -3.63
C THR D 85 4.90 9.25 -4.45
N LYS D 86 5.18 8.87 -5.70
CA LYS D 86 4.20 8.21 -6.58
C LYS D 86 3.67 6.86 -6.05
N PHE D 87 4.57 5.89 -5.88
CA PHE D 87 4.15 4.50 -5.71
C PHE D 87 3.85 4.07 -4.26
N SER D 88 4.09 4.99 -3.31
CA SER D 88 3.75 4.78 -1.91
C SER D 88 2.79 5.88 -1.51
N SER D 89 2.38 6.68 -2.49
CA SER D 89 1.37 7.73 -2.32
C SER D 89 1.62 8.61 -1.11
N LEU D 90 2.67 9.41 -1.16
CA LEU D 90 3.05 10.22 -0.01
C LEU D 90 2.29 11.54 -0.01
N GLU D 91 1.74 11.88 1.15
CA GLU D 91 0.92 13.08 1.35
C GLU D 91 1.76 14.33 1.54
N HIS D 92 1.18 15.48 1.21
CA HIS D 92 1.84 16.80 1.35
C HIS D 92 2.45 17.04 2.73
N CYS D 93 1.81 16.53 3.77
CA CYS D 93 2.31 16.67 5.10
C CYS D 93 3.56 15.84 5.32
N VAL D 94 3.51 14.60 4.85
CA VAL D 94 4.63 13.67 4.99
C VAL D 94 5.90 14.18 4.32
N LEU D 95 5.76 14.81 3.15
CA LEU D 95 6.91 15.38 2.45
C LEU D 95 7.61 16.46 3.27
N MET D 96 6.85 17.40 3.81
CA MET D 96 7.40 18.46 4.67
C MET D 96 7.94 17.90 5.97
N THR D 97 7.23 16.94 6.54
CA THR D 97 7.65 16.31 7.79
C THR D 97 8.98 15.56 7.61
N SER D 98 9.18 14.97 6.44
CA SER D 98 10.44 14.28 6.14
C SER D 98 11.66 15.20 6.21
N LEU D 99 11.49 16.44 5.77
CA LEU D 99 12.57 17.44 5.76
C LEU D 99 12.87 17.94 7.17
N TYR D 100 11.83 18.12 7.97
CA TYR D 100 11.99 18.49 9.38
C TYR D 100 12.56 17.33 10.21
N TYR D 101 12.29 16.10 9.79
CA TYR D 101 12.89 14.95 10.49
C TYR D 101 14.42 14.95 10.40
N ILE D 102 14.97 15.73 9.47
CA ILE D 102 16.41 15.97 9.44
C ILE D 102 16.84 16.84 10.62
N ASP D 103 16.27 18.04 10.72
CA ASP D 103 16.61 18.96 11.79
C ASP D 103 16.44 18.28 13.15
N LEU D 104 15.46 17.38 13.24
CA LEU D 104 15.17 16.69 14.48
C LEU D 104 16.25 15.67 14.76
N LEU D 105 16.49 14.79 13.80
CA LEU D 105 17.44 13.69 13.96
C LEU D 105 18.89 14.15 14.09
N GLN D 106 19.20 15.35 13.63
CA GLN D 106 20.55 15.87 13.75
C GLN D 106 20.85 16.37 15.16
N THR D 107 19.85 16.98 15.78
CA THR D 107 19.95 17.52 17.14
C THR D 107 20.06 16.43 18.20
N VAL D 108 19.15 15.47 18.15
CA VAL D 108 19.03 14.46 19.23
C VAL D 108 19.80 13.17 18.95
N TYR D 109 20.55 13.14 17.85
CA TYR D 109 21.34 11.96 17.51
C TYR D 109 22.70 12.34 16.89
N PRO D 110 23.72 12.53 17.75
CA PRO D 110 25.01 13.10 17.39
C PRO D 110 25.70 12.40 16.22
N ASP D 111 25.64 11.08 16.18
CA ASP D 111 26.27 10.32 15.09
C ASP D 111 25.64 10.52 13.71
N PHE D 112 24.48 11.17 13.66
CA PHE D 112 23.80 11.35 12.40
C PHE D 112 24.03 12.72 11.78
N THR D 113 24.61 12.72 10.59
CA THR D 113 24.76 13.94 9.80
C THR D 113 24.29 13.69 8.36
N LEU D 114 23.38 14.53 7.88
CA LEU D 114 22.89 14.39 6.52
C LEU D 114 23.97 14.65 5.48
N ASN D 115 24.38 13.58 4.82
CA ASN D 115 25.33 13.65 3.72
C ASN D 115 24.98 12.61 2.64
N SER D 116 25.77 12.58 1.57
CA SER D 116 25.50 11.69 0.46
C SER D 116 26.00 10.30 0.79
N LEU D 117 25.53 9.80 1.92
CA LEU D 117 25.85 8.47 2.38
C LEU D 117 24.71 8.11 3.31
N THR D 118 24.09 9.14 3.89
CA THR D 118 22.98 8.97 4.81
C THR D 118 21.61 9.34 4.18
N ALA D 119 21.63 10.23 3.19
CA ALA D 119 20.42 10.79 2.55
C ALA D 119 19.30 9.81 2.21
N HIS D 120 19.58 8.90 1.27
CA HIS D 120 18.61 7.91 0.76
C HIS D 120 17.93 7.08 1.86
N ARG D 121 18.69 6.23 2.56
CA ARG D 121 18.10 5.38 3.61
C ARG D 121 17.35 6.18 4.70
N PHE D 122 17.84 7.36 5.00
CA PHE D 122 17.15 8.25 5.94
C PHE D 122 15.81 8.64 5.34
N LEU D 123 15.82 9.00 4.06
CA LEU D 123 14.62 9.51 3.39
C LEU D 123 13.54 8.43 3.33
N LEU D 124 13.95 7.22 2.95
CA LEU D 124 13.06 6.06 3.00
C LEU D 124 12.58 5.79 4.43
N THR D 125 13.41 6.14 5.42
CA THR D 125 13.00 6.00 6.83
C THR D 125 12.01 7.08 7.25
N ALA D 126 12.43 8.35 7.21
CA ALA D 126 11.58 9.49 7.58
C ALA D 126 10.19 9.41 6.94
N THR D 127 10.18 8.93 5.72
CA THR D 127 9.03 8.98 4.86
C THR D 127 7.97 7.97 5.29
N THR D 128 8.40 6.80 5.74
CA THR D 128 7.48 5.74 6.09
C THR D 128 7.12 5.74 7.58
N VAL D 129 7.50 6.79 8.29
CA VAL D 129 7.21 6.87 9.73
C VAL D 129 6.30 8.05 9.97
N ALA D 130 6.54 9.12 9.22
CA ALA D 130 5.65 10.26 9.21
C ALA D 130 4.28 9.81 8.69
N THR D 131 4.30 8.98 7.65
CA THR D 131 3.07 8.45 7.06
C THR D 131 2.38 7.52 8.04
N LYS D 132 3.09 6.53 8.52
CA LYS D 132 2.51 5.54 9.42
C LYS D 132 2.10 6.17 10.73
N GLY D 133 2.69 7.30 11.10
CA GLY D 133 2.50 7.87 12.42
C GLY D 133 1.59 9.09 12.49
N LEU D 134 1.20 9.61 11.33
CA LEU D 134 0.45 10.85 11.32
C LEU D 134 -0.77 10.77 10.42
N CYS D 135 -0.91 9.69 9.67
CA CYS D 135 -1.92 9.62 8.63
C CYS D 135 -2.98 8.56 8.86
N ASP D 136 -4.12 8.72 8.22
CA ASP D 136 -5.14 7.70 8.24
C ASP D 136 -4.82 6.62 7.21
N SER D 137 -4.35 7.04 6.03
CA SER D 137 -3.97 6.09 4.97
C SER D 137 -2.48 5.77 5.04
N PHE D 138 -2.13 4.48 5.08
CA PHE D 138 -0.73 4.03 5.08
C PHE D 138 -0.56 2.67 4.41
N SER D 139 0.68 2.34 4.05
CA SER D 139 1.00 1.06 3.40
C SER D 139 1.77 0.15 4.36
N THR D 140 1.87 -1.13 4.03
CA THR D 140 2.72 -2.03 4.81
C THR D 140 4.19 -1.67 4.61
N ASN D 141 5.04 -2.15 5.50
CA ASN D 141 6.47 -1.97 5.35
C ASN D 141 6.96 -2.60 4.06
N ALA D 142 6.61 -3.88 3.87
CA ALA D 142 6.92 -4.63 2.64
C ALA D 142 6.77 -3.76 1.40
N HIS D 143 5.68 -2.98 1.37
CA HIS D 143 5.39 -2.09 0.26
C HIS D 143 6.38 -0.93 0.18
N TYR D 144 6.53 -0.20 1.28
CA TYR D 144 7.49 0.88 1.37
C TYR D 144 8.88 0.38 0.97
N ALA D 145 9.30 -0.76 1.54
CA ALA D 145 10.62 -1.35 1.26
C ALA D 145 10.81 -1.67 -0.22
N LYS D 146 9.82 -2.33 -0.83
CA LYS D 146 9.90 -2.68 -2.26
C LYS D 146 10.12 -1.44 -3.12
N VAL D 147 9.33 -0.40 -2.87
CA VAL D 147 9.41 0.86 -3.61
C VAL D 147 10.76 1.52 -3.39
N GLY D 148 11.22 1.50 -2.13
CA GLY D 148 12.50 2.08 -1.73
C GLY D 148 13.74 1.32 -2.18
N GLY D 149 13.55 0.06 -2.58
CA GLY D 149 14.64 -0.75 -3.10
C GLY D 149 15.52 -1.39 -2.05
N VAL D 150 14.95 -1.63 -0.87
CA VAL D 150 15.65 -2.36 0.20
C VAL D 150 14.95 -3.68 0.53
N ARG D 151 15.66 -4.58 1.20
CA ARG D 151 15.02 -5.79 1.77
C ARG D 151 14.10 -5.34 2.89
N CYS D 152 13.00 -6.05 3.10
CA CYS D 152 11.97 -5.60 4.06
C CYS D 152 12.43 -5.60 5.53
N HIS D 153 13.26 -6.58 5.90
CA HIS D 153 13.92 -6.58 7.21
C HIS D 153 14.83 -5.35 7.41
N GLU D 154 15.40 -4.83 6.32
CA GLU D 154 16.28 -3.67 6.39
C GLU D 154 15.54 -2.41 6.84
N LEU D 155 14.39 -2.13 6.21
CA LEU D 155 13.57 -0.99 6.61
C LEU D 155 13.05 -1.14 8.03
N ASN D 156 12.65 -2.36 8.39
CA ASN D 156 12.11 -2.63 9.72
C ASN D 156 13.04 -2.14 10.82
N ILE D 157 14.31 -2.55 10.76
CA ILE D 157 15.29 -2.13 11.76
C ILE D 157 15.53 -0.63 11.69
N LEU D 158 15.84 -0.16 10.48
CA LEU D 158 15.85 1.25 10.15
C LEU D 158 14.70 2.03 10.80
N GLU D 159 13.46 1.58 10.63
CA GLU D 159 12.30 2.26 11.21
C GLU D 159 12.39 2.30 12.73
N ASN D 160 12.71 1.12 13.29
CA ASN D 160 12.79 0.94 14.73
C ASN D 160 13.91 1.80 15.31
N ASP D 161 15.04 1.84 14.60
CA ASP D 161 16.18 2.68 14.95
C ASP D 161 15.78 4.14 15.08
N PHE D 162 15.16 4.68 14.04
CA PHE D 162 14.72 6.06 14.02
C PHE D 162 13.74 6.33 15.14
N LEU D 163 12.77 5.44 15.33
CA LEU D 163 11.81 5.60 16.41
C LEU D 163 12.50 5.61 17.77
N LYS D 164 13.56 4.83 17.92
CA LYS D 164 14.31 4.82 19.18
C LYS D 164 15.10 6.12 19.40
N ARG D 165 15.71 6.62 18.33
CA ARG D 165 16.56 7.82 18.43
C ARG D 165 15.78 9.07 18.80
N VAL D 166 14.49 9.09 18.43
CA VAL D 166 13.65 10.27 18.63
C VAL D 166 12.65 10.06 19.79
N ASN D 167 12.70 8.89 20.42
CA ASN D 167 11.70 8.50 21.42
C ASN D 167 10.28 8.77 20.98
N TYR D 168 9.95 8.32 19.76
CA TYR D 168 8.62 8.48 19.17
C TYR D 168 8.05 9.92 19.13
N ARG D 169 8.91 10.92 19.33
CA ARG D 169 8.43 12.30 19.23
C ARG D 169 8.43 12.79 17.78
N ILE D 170 7.44 12.27 17.04
CA ILE D 170 7.35 12.36 15.58
C ILE D 170 6.43 13.49 15.11
N ILE D 171 5.56 13.96 15.99
CA ILE D 171 4.56 14.97 15.64
C ILE D 171 5.23 16.34 15.61
N PRO D 172 5.38 16.92 14.40
CA PRO D 172 6.05 18.22 14.22
C PRO D 172 5.27 19.38 14.81
N ARG D 173 5.41 19.56 16.11
CA ARG D 173 4.87 20.70 16.85
C ARG D 173 6.06 21.58 17.28
N ASP D 174 5.80 22.84 17.67
CA ASP D 174 6.87 23.81 17.95
C ASP D 174 7.97 23.32 18.88
N HIS D 175 7.64 23.07 20.14
CA HIS D 175 8.65 22.66 21.11
C HIS D 175 9.10 21.20 20.95
N ASN D 176 8.61 20.50 19.92
CA ASN D 176 8.95 19.08 19.77
C ASN D 176 10.45 18.71 19.81
N ILE D 177 11.29 19.39 19.01
CA ILE D 177 12.76 19.16 19.05
C ILE D 177 13.37 19.39 20.46
N THR D 178 13.00 20.51 21.08
CA THR D 178 13.45 20.85 22.43
C THR D 178 13.10 19.75 23.43
N LEU D 179 11.90 19.21 23.32
CA LEU D 179 11.40 18.22 24.26
C LEU D 179 12.02 16.87 23.98
N CYS D 180 12.29 16.61 22.71
CA CYS D 180 12.95 15.39 22.31
C CYS D 180 14.36 15.36 22.87
N SER D 181 15.02 16.52 22.82
CA SER D 181 16.37 16.69 23.38
C SER D 181 16.45 16.41 24.87
N ILE D 182 15.67 17.16 25.65
CA ILE D 182 15.64 17.06 27.11
C ILE D 182 15.32 15.64 27.60
N GLU D 183 14.38 15.00 26.91
CA GLU D 183 13.85 13.68 27.25
C GLU D 183 14.84 12.54 26.96
N GLN D 184 15.91 12.84 26.23
CA GLN D 184 16.96 11.88 25.88
C GLN D 184 17.84 11.57 27.11
N LYS D 185 18.65 10.53 27.05
CA LYS D 185 19.51 10.16 28.18
C LYS D 185 20.45 11.30 28.57
N GLN D 186 20.73 11.44 29.87
CA GLN D 186 21.46 12.61 30.37
C GLN D 186 22.72 12.24 31.14
N LYS D 187 23.79 12.98 30.88
CA LYS D 187 25.03 12.81 31.65
C LYS D 187 24.98 13.69 32.89
N LYS D 188 25.37 13.13 34.03
CA LYS D 188 25.50 13.92 35.22
C LYS D 188 26.76 14.78 35.09
N PHE D 189 26.59 16.08 35.28
CA PHE D 189 27.71 17.01 35.30
C PHE D 189 27.93 17.43 36.74
N VAL D 190 29.09 17.98 37.04
CA VAL D 190 29.33 18.46 38.40
C VAL D 190 28.53 19.73 38.67
N ILE D 191 28.31 20.52 37.62
CA ILE D 191 27.51 21.74 37.71
C ILE D 191 26.26 21.64 36.85
N ASP D 192 25.11 21.86 37.47
CA ASP D 192 23.81 21.79 36.79
C ASP D 192 23.70 22.88 35.74
N LYS D 193 23.32 22.47 34.53
CA LYS D 193 23.16 23.36 33.38
C LYS D 193 21.93 24.27 33.48
N ASN D 194 21.56 24.87 32.34
CA ASN D 194 20.35 25.70 32.21
C ASN D 194 20.34 26.92 33.13
N TYR D 204 6.19 21.59 28.64
CA TYR D 204 4.88 20.96 28.50
C TYR D 204 3.73 21.96 28.63
N SER D 205 3.53 22.77 27.58
CA SER D 205 2.36 23.63 27.43
C SER D 205 2.40 24.49 26.17
N TYR D 206 1.42 24.27 25.31
CA TYR D 206 1.21 25.09 24.12
C TYR D 206 -0.02 26.00 24.26
N VAL D 207 -0.55 26.09 25.47
CA VAL D 207 -1.70 26.94 25.79
C VAL D 207 -1.46 28.38 25.31
N ASN D 208 -2.45 28.94 24.63
CA ASN D 208 -2.32 30.28 24.06
C ASN D 208 -1.49 30.31 22.78
N ARG D 209 -0.40 29.55 22.80
CA ARG D 209 0.58 29.53 21.71
C ARG D 209 -0.18 29.36 20.38
N PRO D 210 0.18 30.17 19.34
CA PRO D 210 -0.63 30.22 18.11
C PRO D 210 -0.72 28.89 17.38
N LYS D 211 -1.91 28.61 16.83
CA LYS D 211 -2.23 27.33 16.16
C LYS D 211 -1.86 26.12 17.04
N SER D 212 -1.81 26.35 18.35
CA SER D 212 -1.48 25.34 19.37
C SER D 212 -0.14 24.61 19.14
N GLY D 213 0.80 25.30 18.50
CA GLY D 213 2.14 24.77 18.31
C GLY D 213 2.38 24.17 16.94
N TYR D 214 1.33 24.19 16.10
CA TYR D 214 1.41 23.59 14.76
C TYR D 214 1.67 24.64 13.67
N ASN D 215 2.94 25.08 13.60
CA ASN D 215 3.39 26.00 12.54
C ASN D 215 4.75 25.57 12.03
N VAL D 216 5.26 24.49 12.61
CA VAL D 216 6.51 23.87 12.18
C VAL D 216 6.49 23.61 10.67
N LEU D 217 5.53 22.82 10.21
CA LEU D 217 5.45 22.50 8.78
C LEU D 217 5.42 23.74 7.87
N ASP D 218 4.62 24.75 8.22
CA ASP D 218 4.58 26.01 7.49
C ASP D 218 5.93 26.71 7.47
N LYS D 219 6.54 26.83 8.65
CA LYS D 219 7.85 27.48 8.80
C LYS D 219 8.87 26.86 7.84
N TYR D 220 9.00 25.54 7.89
CA TYR D 220 9.88 24.77 7.03
C TYR D 220 9.60 24.98 5.54
N TYR D 221 8.31 25.20 5.22
CA TYR D 221 7.88 25.48 3.85
C TYR D 221 8.37 26.84 3.40
N ARG D 222 8.02 27.88 4.16
CA ARG D 222 8.46 29.25 3.81
C ARG D 222 9.99 29.29 3.68
N ARG D 223 10.69 28.63 4.60
CA ARG D 223 12.14 28.62 4.59
C ARG D 223 12.76 28.00 3.34
N ILE D 224 12.29 26.83 2.93
CA ILE D 224 12.85 26.17 1.74
C ILE D 224 12.63 26.96 0.45
N VAL D 225 11.42 27.53 0.31
CA VAL D 225 11.09 28.43 -0.82
C VAL D 225 12.05 29.62 -0.83
N GLN D 226 12.33 30.14 0.35
CA GLN D 226 13.26 31.26 0.51
C GLN D 226 14.72 30.89 0.17
N LEU D 227 15.21 29.80 0.76
CA LEU D 227 16.60 29.37 0.52
C LEU D 227 16.81 28.79 -0.86
N VAL D 228 16.02 27.78 -1.24
CA VAL D 228 16.23 27.11 -2.54
C VAL D 228 15.09 27.23 -3.57
N GLY D 229 14.30 28.30 -3.46
CA GLY D 229 13.25 28.58 -4.44
C GLY D 229 13.79 28.94 -5.81
N SER D 230 14.94 29.60 -5.84
CA SER D 230 15.57 30.02 -7.08
C SER D 230 16.51 28.95 -7.61
N PHE D 231 16.63 28.86 -8.93
CA PHE D 231 17.44 27.85 -9.61
C PHE D 231 18.95 27.93 -9.30
N ASN D 232 19.30 28.62 -8.22
CA ASN D 232 20.69 28.72 -7.71
C ASN D 232 20.89 28.03 -6.34
N ALA D 233 20.70 26.71 -6.32
CA ALA D 233 20.99 25.87 -5.15
C ALA D 233 22.14 24.93 -5.51
N SER D 234 21.80 23.77 -6.09
CA SER D 234 22.79 22.78 -6.53
C SER D 234 22.24 21.70 -7.48
N PRO D 235 21.00 21.16 -7.23
CA PRO D 235 20.54 20.14 -8.17
C PRO D 235 19.81 20.80 -9.34
N ASP D 236 20.60 21.51 -10.15
CA ASP D 236 20.11 22.09 -11.37
C ASP D 236 19.45 20.98 -12.17
N LYS D 237 20.25 19.94 -12.43
CA LYS D 237 19.87 18.77 -13.25
C LYS D 237 18.42 18.32 -13.02
N SER D 238 17.86 18.66 -11.85
CA SER D 238 16.51 18.27 -11.52
C SER D 238 15.48 19.06 -12.34
N ARG D 239 15.08 20.23 -11.88
CA ARG D 239 14.00 20.94 -12.54
C ARG D 239 14.25 22.43 -12.67
N LYS D 240 14.27 22.91 -13.91
CA LYS D 240 14.59 24.30 -14.23
C LYS D 240 13.43 25.24 -13.91
N VAL D 241 13.22 25.49 -12.62
CA VAL D 241 12.12 26.35 -12.18
C VAL D 241 12.54 27.42 -11.19
N ASP D 242 11.80 28.52 -11.21
CA ASP D 242 11.92 29.56 -10.19
C ASP D 242 10.61 29.61 -9.41
N TYR D 243 10.70 29.30 -8.12
CA TYR D 243 9.53 29.35 -7.23
C TYR D 243 9.58 30.59 -6.38
N VAL D 244 8.44 31.27 -6.25
CA VAL D 244 8.34 32.49 -5.46
C VAL D 244 7.12 32.45 -4.55
N LEU D 245 7.32 32.84 -3.29
CA LEU D 245 6.22 32.99 -2.34
C LEU D 245 5.85 34.48 -2.24
N PRO D 246 4.59 34.83 -2.58
CA PRO D 246 4.08 36.15 -2.98
C PRO D 246 4.69 37.43 -2.35
N PRO D 247 4.66 37.59 -1.00
CA PRO D 247 5.19 38.87 -0.54
C PRO D 247 6.71 38.80 -0.27
N ASN D 248 7.43 38.24 -1.25
CA ASN D 248 8.88 38.08 -1.19
C ASN D 248 9.74 38.65 -2.25
N ILE D 249 9.29 38.47 -3.49
CA ILE D 249 9.98 39.04 -4.67
C ILE D 249 10.71 40.38 -4.41
N ASP D 250 12.01 40.30 -4.15
CA ASP D 250 12.84 41.50 -3.88
C ASP D 250 12.30 42.34 -2.71
O1 MES E . -19.36 1.55 -2.07
C2 MES E . -18.18 2.15 -2.59
C3 MES E . -18.19 3.67 -2.38
N4 MES E . -19.40 4.06 -1.64
C5 MES E . -20.71 3.55 -2.03
C6 MES E . -20.54 2.15 -2.61
C7 MES E . -19.33 5.00 -0.51
C8 MES E . -17.89 5.42 -0.21
S MES E . -17.59 7.06 0.01
O1S MES E . -17.75 7.21 -1.46
O2S MES E . -16.29 6.58 0.57
O3S MES E . -18.75 7.16 0.93
O1 MES F . 19.66 3.71 -0.31
C2 MES F . 20.64 3.15 -1.17
C3 MES F . 20.12 3.17 -2.60
N4 MES F . 18.77 2.62 -2.55
C5 MES F . 18.30 1.95 -1.35
C6 MES F . 18.45 2.93 -0.20
C7 MES F . 17.89 2.76 -3.70
C8 MES F . 18.22 1.61 -4.66
S MES F . 17.20 1.52 -5.98
O1S MES F . 16.25 0.74 -5.14
O2S MES F . 18.35 0.80 -6.59
O3S MES F . 17.09 3.03 -5.96
#